data_6PGR
#
_entry.id   6PGR
#
_cell.length_a   104.584
_cell.length_b   104.584
_cell.length_c   160.489
_cell.angle_alpha   90.00
_cell.angle_beta   90.00
_cell.angle_gamma   120.00
#
_symmetry.space_group_name_H-M   'P 32 2 1'
#
loop_
_entity.id
_entity.type
_entity.pdbx_description
1 polymer 'Deoxyhypusine synthase'
2 non-polymer 6-bromo-N-(1H-indol-4-yl)-1-benzothiophene-2-carboxamide
3 water water
#
_entity_poly.entity_id   1
_entity_poly.type   'polypeptide(L)'
_entity_poly.pdbx_seq_one_letter_code
;GGSMEGSLEREAPAGALAAVLKHSSTLPPESTQVRGYDFNRGVNYRALLEAFGTTGFQATNFGRAVQQVNAMIEKKLEPL
SQDEDQHADLTQSRRPLTSCTIFLGYTSNLISSGIRETIRYLVQHNMVDVLVTTAGGVEEDLIKCLAPTYLGEFSLRGKE
LRENGINRIGNLLVPNENYCKFEDWLMPILDQMVMEQNTEGVKWTPSKMIARLGKEINNPESVYYWAQKNHIPVFSPALT
DGSLGDMIFFHSYKNPGLVLDIVEDLRLINTQAIFAKCTGMIILGGGVVKHHIANANLMRNGADYAVYINTAQEFDGSDS
GARPDEAVSWGKIRVDAQPVKVYADASLVFPLLVAETFAQKMDAFMHEKNED
;
_entity_poly.pdbx_strand_id   A,B
#
# COMPACT_ATOMS: atom_id res chain seq x y z
N ALA A 16 -27.74 -29.20 -37.61
CA ALA A 16 -26.38 -29.78 -37.28
C ALA A 16 -25.83 -29.25 -35.95
N LEU A 17 -25.73 -27.93 -35.80
CA LEU A 17 -25.43 -27.36 -34.47
C LEU A 17 -26.66 -27.52 -33.57
N ALA A 18 -27.84 -27.27 -34.14
CA ALA A 18 -29.12 -27.46 -33.44
C ALA A 18 -29.24 -28.87 -32.87
N ALA A 19 -28.63 -29.84 -33.55
CA ALA A 19 -28.58 -31.22 -33.07
C ALA A 19 -27.67 -31.45 -31.85
N VAL A 20 -26.66 -30.59 -31.65
CA VAL A 20 -25.67 -30.82 -30.59
C VAL A 20 -25.58 -29.72 -29.54
N LEU A 21 -26.34 -28.65 -29.74
CA LEU A 21 -26.37 -27.53 -28.82
C LEU A 21 -27.77 -27.39 -28.21
N LYS A 22 -27.81 -27.09 -26.92
CA LYS A 22 -29.06 -26.81 -26.22
C LYS A 22 -29.64 -25.46 -26.64
N HIS A 23 -30.96 -25.40 -26.79
CA HIS A 23 -31.68 -24.14 -27.02
C HIS A 23 -31.65 -23.27 -25.76
N SER A 24 -31.64 -21.96 -25.94
CA SER A 24 -31.64 -21.03 -24.80
C SER A 24 -33.04 -20.89 -24.21
N SER A 25 -33.08 -20.56 -22.92
CA SER A 25 -34.34 -20.47 -22.17
C SER A 25 -35.09 -19.16 -22.42
N GLU A 30 -35.37 -8.57 -18.89
CA GLU A 30 -34.69 -7.30 -18.66
C GLU A 30 -33.27 -7.29 -19.24
N SER A 31 -33.02 -8.14 -20.24
CA SER A 31 -31.67 -8.32 -20.79
C SER A 31 -31.32 -7.25 -21.83
N THR A 32 -30.09 -6.74 -21.78
CA THR A 32 -29.69 -5.58 -22.57
C THR A 32 -28.82 -6.01 -23.74
N GLN A 33 -29.15 -5.54 -24.94
CA GLN A 33 -28.37 -5.85 -26.12
C GLN A 33 -27.10 -5.02 -26.23
N VAL A 34 -26.08 -5.65 -26.80
CA VAL A 34 -24.82 -4.98 -27.04
C VAL A 34 -24.99 -4.04 -28.23
N ARG A 35 -24.58 -2.79 -28.08
CA ARG A 35 -24.59 -1.81 -29.16
C ARG A 35 -23.66 -0.65 -28.81
N GLY A 36 -22.75 -0.32 -29.72
CA GLY A 36 -21.84 0.78 -29.50
C GLY A 36 -22.42 2.08 -30.02
N TYR A 37 -21.79 3.20 -29.67
CA TYR A 37 -22.16 4.50 -30.18
C TYR A 37 -21.95 4.54 -31.70
N ASP A 38 -22.94 5.10 -32.39
CA ASP A 38 -22.89 5.25 -33.85
C ASP A 38 -22.46 6.68 -34.23
N PHE A 39 -21.22 6.81 -34.75
CA PHE A 39 -20.70 8.13 -35.09
C PHE A 39 -21.36 8.76 -36.33
N ASN A 40 -22.19 8.01 -37.04
CA ASN A 40 -23.06 8.66 -38.03
C ASN A 40 -24.02 9.66 -37.38
N ARG A 41 -24.18 9.60 -36.07
CA ARG A 41 -24.93 10.63 -35.37
C ARG A 41 -24.13 11.90 -35.07
N GLY A 42 -22.88 11.96 -35.51
CA GLY A 42 -21.99 13.07 -35.14
C GLY A 42 -21.37 12.80 -33.78
N VAL A 43 -20.58 13.75 -33.30
CA VAL A 43 -19.90 13.59 -32.03
C VAL A 43 -20.71 14.27 -30.94
N ASN A 44 -21.71 13.55 -30.45
CA ASN A 44 -22.52 13.97 -29.32
C ASN A 44 -21.90 13.28 -28.10
N TYR A 45 -21.07 14.04 -27.38
CA TYR A 45 -20.24 13.45 -26.31
C TYR A 45 -21.01 12.81 -25.17
N ARG A 46 -22.11 13.41 -24.73
CA ARG A 46 -22.93 12.78 -23.68
C ARG A 46 -23.55 11.45 -24.13
N ALA A 47 -24.02 11.40 -25.38
CA ALA A 47 -24.56 10.17 -25.93
C ALA A 47 -23.45 9.14 -26.09
N LEU A 48 -22.26 9.58 -26.49
CA LEU A 48 -21.10 8.66 -26.57
C LEU A 48 -20.76 8.03 -25.19
N LEU A 49 -20.67 8.85 -24.17
CA LEU A 49 -20.41 8.35 -22.81
CA LEU A 49 -20.41 8.34 -22.81
C LEU A 49 -21.53 7.42 -22.35
N GLU A 50 -22.78 7.78 -22.65
CA GLU A 50 -23.91 6.93 -22.28
C GLU A 50 -23.88 5.55 -22.95
N ALA A 51 -23.36 5.47 -24.17
CA ALA A 51 -23.28 4.22 -24.92
C ALA A 51 -22.23 3.23 -24.34
N PHE A 52 -21.35 3.68 -23.45
CA PHE A 52 -20.39 2.76 -22.83
C PHE A 52 -21.08 1.60 -22.12
N GLY A 53 -22.19 1.89 -21.43
CA GLY A 53 -22.94 0.89 -20.72
C GLY A 53 -23.34 -0.32 -21.53
N THR A 54 -23.59 -0.14 -22.84
CA THR A 54 -23.98 -1.23 -23.71
C THR A 54 -22.87 -1.69 -24.66
N THR A 55 -21.65 -1.22 -24.44
CA THR A 55 -20.55 -1.51 -25.34
C THR A 55 -19.82 -2.81 -24.97
N GLY A 56 -19.92 -3.23 -23.71
CA GLY A 56 -19.27 -4.44 -23.24
C GLY A 56 -17.91 -4.23 -22.59
N PHE A 57 -17.42 -5.32 -22.00
CA PHE A 57 -16.14 -5.35 -21.30
C PHE A 57 -16.04 -4.22 -20.29
N GLN A 58 -14.90 -3.55 -20.19
CA GLN A 58 -14.80 -2.51 -19.19
C GLN A 58 -15.63 -1.29 -19.46
N ALA A 59 -16.02 -1.06 -20.71
CA ALA A 59 -16.95 0.04 -21.02
C ALA A 59 -18.27 -0.15 -20.30
N THR A 60 -18.76 -1.38 -20.28
CA THR A 60 -19.96 -1.70 -19.52
C THR A 60 -19.75 -1.54 -18.00
N ASN A 61 -18.56 -1.90 -17.50
CA ASN A 61 -18.30 -1.68 -16.08
C ASN A 61 -18.23 -0.19 -15.76
N PHE A 62 -17.72 0.60 -16.68
CA PHE A 62 -17.78 2.05 -16.51
C PHE A 62 -19.24 2.53 -16.35
N GLY A 63 -20.12 2.07 -17.22
CA GLY A 63 -21.55 2.45 -17.14
C GLY A 63 -22.15 2.05 -15.79
N ARG A 64 -21.81 0.84 -15.32
CA ARG A 64 -22.29 0.36 -14.03
CA ARG A 64 -22.32 0.37 -14.05
C ARG A 64 -21.76 1.22 -12.90
N ALA A 65 -20.50 1.66 -13.01
CA ALA A 65 -19.90 2.53 -11.99
C ALA A 65 -20.61 3.88 -11.93
N VAL A 66 -20.93 4.43 -13.09
CA VAL A 66 -21.66 5.69 -13.16
C VAL A 66 -22.96 5.54 -12.40
N GLN A 67 -23.66 4.43 -12.64
CA GLN A 67 -24.94 4.19 -11.98
C GLN A 67 -24.79 4.07 -10.45
N GLN A 68 -23.77 3.35 -10.01
CA GLN A 68 -23.53 3.16 -8.58
C GLN A 68 -23.13 4.46 -7.89
N VAL A 69 -22.28 5.26 -8.54
CA VAL A 69 -21.89 6.53 -7.95
C VAL A 69 -23.09 7.49 -7.90
N ASN A 70 -23.90 7.52 -8.95
CA ASN A 70 -25.11 8.34 -8.89
C ASN A 70 -26.10 7.89 -7.81
N ALA A 71 -26.19 6.58 -7.56
CA ALA A 71 -27.04 6.08 -6.46
C ALA A 71 -26.51 6.56 -5.13
N MET A 72 -25.19 6.48 -4.97
CA MET A 72 -24.49 6.97 -3.78
C MET A 72 -24.76 8.46 -3.54
N ILE A 73 -24.67 9.24 -4.61
CA ILE A 73 -24.92 10.69 -4.54
C ILE A 73 -26.38 10.97 -4.15
N GLU A 74 -27.32 10.28 -4.79
CA GLU A 74 -28.74 10.48 -4.45
C GLU A 74 -29.02 10.11 -3.00
N LYS A 75 -28.39 9.04 -2.51
CA LYS A 75 -28.53 8.69 -1.10
C LYS A 75 -28.00 9.80 -0.21
N LYS A 76 -26.77 10.26 -0.47
CA LYS A 76 -26.15 11.33 0.30
C LYS A 76 -27.02 12.57 0.38
N LEU A 77 -27.70 12.89 -0.70
CA LEU A 77 -28.52 14.10 -0.75
C LEU A 77 -29.91 13.92 -0.08
N GLU A 78 -30.30 12.69 0.27
CA GLU A 78 -31.56 12.49 1.01
C GLU A 78 -31.50 13.20 2.36
N PRO A 79 -32.61 13.84 2.76
CA PRO A 79 -32.68 14.38 4.14
C PRO A 79 -32.53 13.28 5.19
N LEU A 80 -31.90 13.60 6.31
CA LEU A 80 -31.89 12.69 7.45
C LEU A 80 -33.27 12.73 8.12
N SER A 81 -33.90 11.57 8.31
CA SER A 81 -35.15 11.50 9.08
C SER A 81 -34.82 11.83 10.54
N GLN A 82 -35.83 11.93 11.39
CA GLN A 82 -35.56 12.31 12.79
C GLN A 82 -34.72 11.26 13.55
N ASP A 83 -35.06 9.98 13.37
CA ASP A 83 -34.32 8.89 14.03
C ASP A 83 -32.89 8.80 13.49
N GLU A 84 -32.78 8.81 12.17
CA GLU A 84 -31.46 8.75 11.51
C GLU A 84 -30.58 9.90 12.00
N ASP A 85 -31.17 11.10 12.09
CA ASP A 85 -30.46 12.30 12.57
C ASP A 85 -29.86 12.10 13.97
N GLN A 86 -30.63 11.47 14.86
CA GLN A 86 -30.16 11.20 16.21
C GLN A 86 -28.91 10.32 16.21
N HIS A 87 -29.01 9.14 15.61
CA HIS A 87 -27.90 8.16 15.58
C HIS A 87 -26.75 8.64 14.67
N ALA A 88 -27.10 9.44 13.67
CA ALA A 88 -26.11 10.12 12.84
C ALA A 88 -25.22 11.06 13.68
N ASP A 89 -25.83 11.74 14.65
CA ASP A 89 -25.15 12.78 15.43
C ASP A 89 -24.24 12.24 16.56
N LEU A 90 -23.92 10.94 16.52
CA LEU A 90 -23.16 10.32 17.63
C LEU A 90 -21.63 10.33 17.48
N THR A 91 -21.11 11.05 16.48
CA THR A 91 -19.67 11.37 16.46
C THR A 91 -19.47 12.66 17.25
N GLN A 92 -18.22 12.95 17.58
CA GLN A 92 -17.90 14.20 18.28
C GLN A 92 -17.31 15.22 17.31
N SER A 93 -17.48 14.99 16.01
CA SER A 93 -16.76 15.77 15.01
C SER A 93 -17.51 17.04 14.54
N ARG A 94 -16.70 18.03 14.21
CA ARG A 94 -17.08 19.24 13.46
C ARG A 94 -18.07 19.03 12.31
N ARG A 95 -17.77 18.09 11.41
CA ARG A 95 -18.50 17.94 10.16
C ARG A 95 -19.87 17.33 10.42
N PRO A 96 -20.96 18.04 10.09
CA PRO A 96 -22.28 17.45 10.27
C PRO A 96 -22.43 16.19 9.41
N LEU A 97 -23.07 15.18 9.97
CA LEU A 97 -23.26 13.91 9.29
C LEU A 97 -24.40 14.06 8.27
N THR A 98 -24.30 13.28 7.20
CA THR A 98 -25.25 13.30 6.08
C THR A 98 -25.80 11.89 5.92
N SER A 99 -26.67 11.70 4.93
CA SER A 99 -27.30 10.40 4.71
C SER A 99 -26.39 9.36 4.09
N CYS A 100 -25.23 9.77 3.58
CA CYS A 100 -24.23 8.78 3.13
C CYS A 100 -22.85 9.36 3.29
N THR A 101 -22.03 8.69 4.09
CA THR A 101 -20.65 9.08 4.30
C THR A 101 -19.82 8.45 3.16
N ILE A 102 -19.19 9.28 2.34
CA ILE A 102 -18.38 8.77 1.24
C ILE A 102 -16.89 8.85 1.57
N PHE A 103 -16.23 7.70 1.51
CA PHE A 103 -14.79 7.59 1.66
C PHE A 103 -14.19 7.62 0.25
N LEU A 104 -13.24 8.52 0.01
CA LEU A 104 -12.53 8.58 -1.23
C LEU A 104 -11.09 8.18 -0.95
N GLY A 105 -10.66 7.08 -1.56
CA GLY A 105 -9.32 6.57 -1.40
C GLY A 105 -8.54 6.63 -2.69
N TYR A 106 -7.25 6.93 -2.58
CA TYR A 106 -6.41 7.01 -3.76
C TYR A 106 -4.96 6.80 -3.40
N THR A 107 -4.25 6.18 -4.33
CA THR A 107 -2.80 6.02 -4.21
C THR A 107 -2.10 7.34 -4.54
N SER A 108 -0.90 7.50 -3.98
CA SER A 108 -0.13 8.74 -4.13
CA SER A 108 -0.11 8.73 -4.13
C SER A 108 0.19 9.12 -5.58
N ASN A 109 0.43 8.12 -6.43
CA ASN A 109 0.69 8.42 -7.86
C ASN A 109 -0.41 9.27 -8.49
N LEU A 110 -1.66 9.08 -8.07
CA LEU A 110 -2.75 9.85 -8.66
C LEU A 110 -2.70 11.33 -8.28
N ILE A 111 -2.10 11.66 -7.14
CA ILE A 111 -1.89 13.05 -6.73
C ILE A 111 -0.76 13.68 -7.56
N SER A 112 0.22 12.88 -7.97
CA SER A 112 1.22 13.39 -8.91
C SER A 112 0.62 13.64 -10.30
N SER A 113 -0.39 12.86 -10.65
CA SER A 113 -1.12 13.06 -11.89
C SER A 113 -2.07 14.25 -11.87
N GLY A 114 -2.64 14.53 -13.03
CA GLY A 114 -3.70 15.51 -13.17
C GLY A 114 -4.98 15.19 -12.45
N ILE A 115 -5.15 13.94 -11.98
CA ILE A 115 -6.32 13.57 -11.17
C ILE A 115 -6.35 14.32 -9.85
N ARG A 116 -5.24 14.92 -9.49
CA ARG A 116 -5.18 15.83 -8.36
C ARG A 116 -6.23 16.94 -8.50
N GLU A 117 -6.39 17.46 -9.70
CA GLU A 117 -7.42 18.51 -9.95
C GLU A 117 -8.84 17.97 -9.76
N THR A 118 -9.06 16.74 -10.18
CA THR A 118 -10.36 16.10 -10.05
C THR A 118 -10.70 15.86 -8.60
N ILE A 119 -9.75 15.33 -7.84
CA ILE A 119 -9.93 15.10 -6.41
C ILE A 119 -10.16 16.43 -5.70
N ARG A 120 -9.36 17.43 -6.05
CA ARG A 120 -9.50 18.73 -5.42
C ARG A 120 -10.92 19.30 -5.60
N TYR A 121 -11.45 19.19 -6.82
CA TYR A 121 -12.81 19.65 -7.11
C TYR A 121 -13.84 19.02 -6.16
N LEU A 122 -13.75 17.70 -5.98
CA LEU A 122 -14.69 16.96 -5.12
C LEU A 122 -14.62 17.43 -3.67
N VAL A 123 -13.39 17.63 -3.20
CA VAL A 123 -13.13 18.07 -1.84
C VAL A 123 -13.59 19.53 -1.66
N GLN A 124 -13.27 20.38 -2.63
CA GLN A 124 -13.68 21.79 -2.63
C GLN A 124 -15.18 21.96 -2.43
N HIS A 125 -15.96 21.10 -3.07
CA HIS A 125 -17.41 21.21 -3.03
C HIS A 125 -18.10 20.28 -2.04
N ASN A 126 -17.33 19.75 -1.08
CA ASN A 126 -17.88 18.89 -0.02
C ASN A 126 -18.62 17.68 -0.54
N MET A 127 -18.10 17.08 -1.61
CA MET A 127 -18.78 15.96 -2.26
C MET A 127 -18.40 14.60 -1.67
N VAL A 128 -17.31 14.58 -0.91
CA VAL A 128 -16.89 13.40 -0.15
C VAL A 128 -16.65 13.78 1.30
N ASP A 129 -16.57 12.78 2.18
CA ASP A 129 -16.53 12.99 3.62
C ASP A 129 -15.21 12.61 4.30
N VAL A 130 -14.49 11.61 3.77
CA VAL A 130 -13.22 11.19 4.34
C VAL A 130 -12.28 10.88 3.20
N LEU A 131 -11.03 11.32 3.34
CA LEU A 131 -9.98 11.00 2.39
C LEU A 131 -9.00 10.02 3.02
N VAL A 132 -8.62 9.00 2.26
CA VAL A 132 -7.60 8.07 2.68
C VAL A 132 -6.60 7.94 1.56
N THR A 133 -5.32 8.02 1.89
CA THR A 133 -4.28 7.93 0.86
C THR A 133 -3.04 7.24 1.39
N THR A 134 -2.04 7.10 0.53
CA THR A 134 -0.83 6.36 0.83
C THR A 134 0.31 7.36 0.95
N ALA A 135 1.47 6.85 1.35
CA ALA A 135 2.69 7.61 1.46
C ALA A 135 2.96 8.36 0.17
N GLY A 136 3.23 9.66 0.28
CA GLY A 136 3.44 10.53 -0.89
C GLY A 136 2.20 11.34 -1.24
N GLY A 137 1.04 10.81 -0.88
CA GLY A 137 -0.24 11.35 -1.34
C GLY A 137 -0.62 12.69 -0.74
N VAL A 138 0.06 13.08 0.32
CA VAL A 138 -0.12 14.40 0.93
C VAL A 138 0.90 15.38 0.36
N GLU A 139 2.17 15.04 0.47
CA GLU A 139 3.20 16.00 0.10
C GLU A 139 3.19 16.36 -1.40
N GLU A 140 2.87 15.42 -2.28
CA GLU A 140 2.89 15.76 -3.72
C GLU A 140 1.87 16.87 -4.07
N ASP A 141 0.74 16.89 -3.37
CA ASP A 141 -0.24 17.97 -3.54
C ASP A 141 0.33 19.32 -3.09
N LEU A 142 1.03 19.32 -1.96
CA LEU A 142 1.58 20.55 -1.39
C LEU A 142 2.70 21.07 -2.26
N ILE A 143 3.57 20.16 -2.69
CA ILE A 143 4.71 20.50 -3.53
C ILE A 143 4.29 21.12 -4.86
N LYS A 144 3.15 20.64 -5.41
CA LYS A 144 2.61 21.22 -6.63
C LYS A 144 2.20 22.69 -6.48
N CYS A 145 1.96 23.15 -5.26
CA CYS A 145 1.71 24.59 -5.03
C CYS A 145 3.00 25.43 -5.05
N LEU A 146 4.14 24.76 -4.95
CA LEU A 146 5.44 25.44 -4.94
C LEU A 146 6.16 25.33 -6.27
N ALA A 147 5.94 24.22 -7.00
CA ALA A 147 6.62 23.98 -8.27
C ALA A 147 5.92 22.85 -9.02
N PRO A 148 5.97 22.87 -10.36
CA PRO A 148 5.20 21.93 -11.16
C PRO A 148 5.87 20.58 -11.37
N THR A 149 5.03 19.62 -11.73
CA THR A 149 5.46 18.29 -12.19
C THR A 149 5.32 18.35 -13.70
N TYR A 150 6.20 17.62 -14.39
CA TYR A 150 6.28 17.61 -15.85
C TYR A 150 6.04 16.22 -16.45
N LEU A 151 5.63 16.22 -17.72
CA LEU A 151 5.48 14.99 -18.49
C LEU A 151 6.84 14.46 -18.93
N GLY A 152 7.01 13.16 -18.79
CA GLY A 152 8.17 12.44 -19.35
C GLY A 152 7.72 11.17 -20.06
N GLU A 153 8.45 10.08 -19.85
CA GLU A 153 8.11 8.79 -20.43
C GLU A 153 8.50 7.71 -19.42
N PHE A 154 7.82 6.57 -19.48
CA PHE A 154 8.12 5.46 -18.56
C PHE A 154 9.55 4.93 -18.77
N SER A 155 10.03 4.98 -20.01
CA SER A 155 11.29 4.35 -20.37
C SER A 155 12.54 5.17 -20.01
N LEU A 156 12.37 6.42 -19.59
CA LEU A 156 13.54 7.23 -19.23
C LEU A 156 14.43 6.54 -18.19
N ARG A 157 15.71 6.45 -18.51
CA ARG A 157 16.71 5.75 -17.70
C ARG A 157 17.08 6.48 -16.42
N GLY A 158 17.18 5.73 -15.33
CA GLY A 158 17.53 6.28 -14.02
C GLY A 158 18.87 7.01 -14.01
N LYS A 159 19.87 6.45 -14.70
CA LYS A 159 21.21 7.08 -14.78
C LYS A 159 21.15 8.53 -15.30
N GLU A 160 20.50 8.74 -16.44
CA GLU A 160 20.41 10.09 -17.04
C GLU A 160 19.58 11.04 -16.18
N LEU A 161 18.47 10.54 -15.63
CA LEU A 161 17.65 11.36 -14.77
C LEU A 161 18.41 11.81 -13.52
N ARG A 162 19.14 10.88 -12.91
CA ARG A 162 20.01 11.19 -11.78
C ARG A 162 21.01 12.27 -12.14
N GLU A 163 21.68 12.13 -13.28
CA GLU A 163 22.64 13.14 -13.74
C GLU A 163 21.98 14.52 -13.81
N ASN A 164 20.72 14.55 -14.21
CA ASN A 164 20.00 15.82 -14.38
C ASN A 164 19.20 16.27 -13.16
N GLY A 165 19.30 15.54 -12.05
CA GLY A 165 18.62 15.91 -10.82
C GLY A 165 17.11 15.78 -10.89
N ILE A 166 16.60 14.75 -11.58
CA ILE A 166 15.17 14.59 -11.82
C ILE A 166 14.67 13.26 -11.27
N ASN A 167 13.52 13.29 -10.58
CA ASN A 167 12.90 12.08 -10.05
C ASN A 167 11.78 11.61 -10.99
N ARG A 168 11.68 10.29 -11.20
CA ARG A 168 10.63 9.75 -12.05
C ARG A 168 9.48 9.12 -11.22
N ILE A 169 8.26 9.44 -11.65
CA ILE A 169 7.04 8.81 -11.14
C ILE A 169 6.23 8.39 -12.35
N GLY A 170 6.32 7.12 -12.73
CA GLY A 170 5.68 6.62 -13.94
C GLY A 170 6.24 7.32 -15.16
N ASN A 171 5.36 8.04 -15.90
CA ASN A 171 5.82 8.91 -16.99
C ASN A 171 5.83 10.39 -16.63
N LEU A 172 5.88 10.68 -15.32
CA LEU A 172 5.97 12.03 -14.80
C LEU A 172 7.36 12.29 -14.20
N LEU A 173 7.72 13.56 -14.14
CA LEU A 173 9.05 14.01 -13.70
C LEU A 173 8.95 15.12 -12.69
N VAL A 174 9.62 14.94 -11.55
CA VAL A 174 9.66 15.92 -10.48
C VAL A 174 11.13 16.29 -10.19
N PRO A 175 11.52 17.53 -10.47
CA PRO A 175 12.90 17.90 -10.17
C PRO A 175 13.22 17.81 -8.67
N ASN A 176 14.45 17.45 -8.34
CA ASN A 176 14.98 17.51 -6.95
C ASN A 176 14.69 18.86 -6.29
N GLU A 177 14.81 19.93 -7.06
CA GLU A 177 14.60 21.29 -6.55
C GLU A 177 13.20 21.47 -5.94
N ASN A 178 12.20 20.75 -6.45
CA ASN A 178 10.85 20.75 -5.88
C ASN A 178 10.84 20.31 -4.42
N TYR A 179 11.60 19.27 -4.12
CA TYR A 179 11.69 18.73 -2.75
C TYR A 179 12.50 19.68 -1.82
N CYS A 180 13.47 20.38 -2.39
CA CYS A 180 14.23 21.41 -1.64
C CYS A 180 13.37 22.61 -1.27
N LYS A 181 12.57 23.09 -2.22
CA LYS A 181 11.62 24.15 -1.92
C LYS A 181 10.61 23.71 -0.88
N PHE A 182 10.24 22.44 -0.94
CA PHE A 182 9.29 21.91 0.02
C PHE A 182 9.89 21.88 1.42
N GLU A 183 11.15 21.45 1.52
CA GLU A 183 11.88 21.44 2.79
C GLU A 183 11.95 22.84 3.39
N ASP A 184 12.28 23.83 2.55
CA ASP A 184 12.39 25.23 3.01
C ASP A 184 11.06 25.73 3.53
N TRP A 185 9.98 25.36 2.83
CA TRP A 185 8.64 25.74 3.24
C TRP A 185 8.22 25.04 4.52
N LEU A 186 8.58 23.77 4.65
CA LEU A 186 8.07 22.95 5.75
C LEU A 186 8.77 23.14 7.09
N MET A 187 10.08 23.38 7.07
CA MET A 187 10.85 23.42 8.33
C MET A 187 10.26 24.36 9.38
N PRO A 188 9.93 25.63 9.01
CA PRO A 188 9.34 26.53 10.02
C PRO A 188 7.99 26.06 10.58
N ILE A 189 7.25 25.29 9.79
CA ILE A 189 5.98 24.74 10.25
C ILE A 189 6.24 23.64 11.26
N LEU A 190 7.17 22.74 10.97
CA LEU A 190 7.58 21.71 11.93
C LEU A 190 8.11 22.34 13.23
N ASP A 191 8.82 23.46 13.12
CA ASP A 191 9.29 24.19 14.31
C ASP A 191 8.08 24.60 15.16
N GLN A 192 7.07 25.21 14.56
CA GLN A 192 5.86 25.61 15.29
C GLN A 192 5.13 24.39 15.89
N MET A 193 5.03 23.30 15.13
CA MET A 193 4.35 22.09 15.64
C MET A 193 5.02 21.51 16.89
N VAL A 194 6.34 21.45 16.90
CA VAL A 194 7.07 20.97 18.07
C VAL A 194 6.83 21.94 19.26
N MET A 195 6.91 23.25 19.01
CA MET A 195 6.69 24.24 20.05
CA MET A 195 6.69 24.25 20.06
C MET A 195 5.27 24.15 20.63
N GLU A 196 4.29 23.93 19.75
CA GLU A 196 2.88 23.79 20.19
C GLU A 196 2.67 22.51 20.99
N GLN A 197 3.37 21.45 20.59
CA GLN A 197 3.31 20.18 21.31
C GLN A 197 3.89 20.33 22.72
N ASN A 198 5.05 20.96 22.81
CA ASN A 198 5.75 21.06 24.09
C ASN A 198 5.26 22.19 25.02
N THR A 199 4.61 23.21 24.49
CA THR A 199 4.16 24.31 25.35
C THR A 199 2.66 24.51 25.41
N GLU A 200 1.90 24.01 24.42
CA GLU A 200 0.45 24.18 24.41
C GLU A 200 -0.32 22.86 24.51
N GLY A 201 0.37 21.78 24.84
CA GLY A 201 -0.26 20.48 25.02
C GLY A 201 -0.86 19.85 23.76
N VAL A 202 -0.39 20.21 22.57
CA VAL A 202 -0.98 19.63 21.33
C VAL A 202 -0.51 18.19 21.16
N LYS A 203 -1.43 17.27 20.91
CA LYS A 203 -1.09 15.87 20.65
C LYS A 203 -1.28 15.59 19.15
N TRP A 204 -0.18 15.59 18.41
CA TRP A 204 -0.25 15.46 16.96
C TRP A 204 -0.55 14.03 16.51
N THR A 205 -1.28 13.96 15.39
CA THR A 205 -1.52 12.71 14.67
C THR A 205 -1.34 13.04 13.20
N PRO A 206 -1.22 12.01 12.35
CA PRO A 206 -1.09 12.34 10.93
C PRO A 206 -2.25 13.20 10.40
N SER A 207 -3.49 12.88 10.76
CA SER A 207 -4.62 13.65 10.21
C SER A 207 -4.55 15.13 10.63
N LYS A 208 -4.15 15.39 11.86
CA LYS A 208 -4.03 16.77 12.36
C LYS A 208 -2.89 17.48 11.68
N MET A 209 -1.81 16.77 11.43
CA MET A 209 -0.70 17.37 10.70
C MET A 209 -1.12 17.74 9.27
N ILE A 210 -1.88 16.84 8.63
CA ILE A 210 -2.32 17.06 7.26
C ILE A 210 -3.25 18.27 7.20
N ALA A 211 -4.15 18.41 8.18
CA ALA A 211 -5.00 19.59 8.26
C ALA A 211 -4.17 20.87 8.40
N ARG A 212 -3.18 20.86 9.29
CA ARG A 212 -2.32 22.04 9.48
C ARG A 212 -1.55 22.39 8.21
N LEU A 213 -1.02 21.39 7.51
CA LEU A 213 -0.28 21.66 6.27
C LEU A 213 -1.18 22.25 5.18
N GLY A 214 -2.43 21.78 5.10
CA GLY A 214 -3.38 22.38 4.16
C GLY A 214 -3.68 23.83 4.48
N LYS A 215 -3.83 24.13 5.77
CA LYS A 215 -4.13 25.48 6.21
C LYS A 215 -2.95 26.37 5.88
N GLU A 216 -1.74 25.88 6.14
CA GLU A 216 -0.53 26.66 5.83
C GLU A 216 -0.36 26.94 4.34
N ILE A 217 -0.56 25.93 3.50
CA ILE A 217 -0.32 26.13 2.07
C ILE A 217 -1.23 27.22 1.51
N ASN A 218 -2.46 27.31 2.03
CA ASN A 218 -3.33 28.43 1.77
C ASN A 218 -3.50 28.73 0.28
N ASN A 219 -3.81 27.70 -0.48
CA ASN A 219 -3.80 27.78 -1.92
C ASN A 219 -4.97 26.97 -2.45
N PRO A 220 -5.87 27.62 -3.21
CA PRO A 220 -7.07 26.91 -3.66
C PRO A 220 -6.86 25.82 -4.72
N GLU A 221 -5.64 25.62 -5.19
CA GLU A 221 -5.35 24.47 -6.04
C GLU A 221 -5.04 23.19 -5.23
N SER A 222 -4.85 23.34 -3.93
CA SER A 222 -4.48 22.22 -3.04
C SER A 222 -5.68 21.42 -2.54
N VAL A 223 -5.61 20.11 -2.74
CA VAL A 223 -6.60 19.20 -2.16
C VAL A 223 -6.69 19.39 -0.65
N TYR A 224 -5.55 19.47 0.03
CA TYR A 224 -5.55 19.48 1.49
C TYR A 224 -5.93 20.83 2.07
N TYR A 225 -5.70 21.89 1.32
CA TYR A 225 -6.26 23.19 1.70
C TYR A 225 -7.77 23.08 1.82
N TRP A 226 -8.42 22.56 0.78
CA TRP A 226 -9.87 22.42 0.80
C TRP A 226 -10.36 21.43 1.82
N ALA A 227 -9.62 20.32 2.02
CA ALA A 227 -10.06 19.34 2.99
C ALA A 227 -10.15 19.97 4.39
N GLN A 228 -9.13 20.70 4.79
CA GLN A 228 -9.16 21.32 6.12
C GLN A 228 -10.22 22.40 6.17
N LYS A 229 -10.36 23.16 5.10
CA LYS A 229 -11.34 24.25 5.07
C LYS A 229 -12.75 23.70 5.23
N ASN A 230 -13.02 22.53 4.64
CA ASN A 230 -14.34 21.91 4.67
C ASN A 230 -14.49 20.82 5.73
N HIS A 231 -13.50 20.70 6.62
CA HIS A 231 -13.53 19.71 7.69
C HIS A 231 -13.68 18.27 7.18
N ILE A 232 -12.90 17.95 6.15
CA ILE A 232 -12.82 16.60 5.64
C ILE A 232 -11.51 16.04 6.15
N PRO A 233 -11.58 15.07 7.08
CA PRO A 233 -10.34 14.56 7.65
C PRO A 233 -9.58 13.69 6.64
N VAL A 234 -8.26 13.70 6.75
CA VAL A 234 -7.41 12.88 5.89
C VAL A 234 -6.61 11.89 6.74
N PHE A 235 -6.64 10.63 6.35
CA PHE A 235 -5.96 9.57 7.10
C PHE A 235 -4.92 8.91 6.23
N SER A 236 -3.72 8.79 6.80
CA SER A 236 -2.55 8.29 6.11
C SER A 236 -1.52 7.87 7.17
N PRO A 237 -1.76 6.72 7.82
CA PRO A 237 -0.89 6.33 8.92
C PRO A 237 0.55 6.04 8.49
N ALA A 238 0.77 5.73 7.22
CA ALA A 238 2.14 5.58 6.69
C ALA A 238 2.69 6.87 6.07
N LEU A 239 2.21 8.00 6.57
CA LEU A 239 2.72 9.36 6.25
C LEU A 239 4.24 9.45 6.13
N THR A 240 4.96 8.77 7.03
CA THR A 240 6.43 8.84 7.09
C THR A 240 7.20 8.04 6.02
N ASP A 241 6.51 7.24 5.21
CA ASP A 241 7.16 6.46 4.15
C ASP A 241 7.56 7.26 2.89
N GLY A 242 7.23 8.54 2.85
CA GLY A 242 7.54 9.40 1.70
C GLY A 242 8.51 10.52 2.02
N SER A 243 8.47 11.57 1.21
CA SER A 243 9.34 12.74 1.38
C SER A 243 9.09 13.48 2.67
N LEU A 244 7.86 13.46 3.13
CA LEU A 244 7.54 14.02 4.43
C LEU A 244 8.37 13.36 5.53
N GLY A 245 8.52 12.04 5.45
CA GLY A 245 9.39 11.31 6.37
C GLY A 245 10.82 11.82 6.35
N ASP A 246 11.38 12.00 5.16
CA ASP A 246 12.75 12.53 5.01
C ASP A 246 12.88 13.82 5.80
N MET A 247 11.94 14.72 5.61
CA MET A 247 12.02 16.04 6.24
CA MET A 247 11.95 16.07 6.22
C MET A 247 11.77 16.01 7.74
N ILE A 248 10.78 15.26 8.19
CA ILE A 248 10.57 15.07 9.62
C ILE A 248 11.84 14.52 10.27
N PHE A 249 12.47 13.55 9.60
CA PHE A 249 13.68 12.93 10.11
C PHE A 249 14.80 13.95 10.28
N PHE A 250 15.13 14.70 9.23
CA PHE A 250 16.21 15.70 9.32
C PHE A 250 15.86 16.78 10.34
N HIS A 251 14.60 17.21 10.36
CA HIS A 251 14.14 18.21 11.31
C HIS A 251 14.40 17.78 12.74
N SER A 252 14.25 16.48 12.98
CA SER A 252 14.37 15.94 14.33
C SER A 252 15.82 15.98 14.87
N TYR A 253 16.81 16.27 14.02
CA TYR A 253 18.18 16.49 14.48
C TYR A 253 18.27 17.71 15.36
N LYS A 254 17.90 18.87 14.82
CA LYS A 254 17.99 20.11 15.56
C LYS A 254 16.75 20.40 16.43
N ASN A 255 15.66 19.65 16.27
CA ASN A 255 14.46 19.91 17.05
C ASN A 255 13.71 18.62 17.40
N PRO A 256 14.29 17.82 18.32
CA PRO A 256 13.82 16.46 18.59
C PRO A 256 12.48 16.37 19.34
N GLY A 257 11.83 15.21 19.25
CA GLY A 257 10.66 14.87 20.06
C GLY A 257 9.28 15.01 19.44
N LEU A 258 9.17 15.30 18.16
CA LEU A 258 7.84 15.33 17.53
C LEU A 258 7.24 13.93 17.64
N VAL A 259 6.01 13.84 18.12
CA VAL A 259 5.27 12.58 18.19
C VAL A 259 4.06 12.62 17.25
N LEU A 260 3.89 11.58 16.45
CA LEU A 260 2.71 11.42 15.62
C LEU A 260 2.05 10.13 16.04
N ASP A 261 0.91 10.25 16.69
CA ASP A 261 0.20 9.10 17.26
C ASP A 261 -0.78 8.54 16.25
N ILE A 262 -0.61 7.29 15.86
CA ILE A 262 -1.54 6.66 14.92
C ILE A 262 -2.78 6.07 15.60
N VAL A 263 -2.74 5.89 16.91
CA VAL A 263 -3.89 5.30 17.61
C VAL A 263 -5.09 6.25 17.68
N GLU A 264 -4.83 7.54 17.90
CA GLU A 264 -5.92 8.52 17.95
C GLU A 264 -6.54 8.66 16.55
N ASP A 265 -5.73 8.61 15.50
CA ASP A 265 -6.28 8.64 14.13
C ASP A 265 -7.15 7.43 13.83
N LEU A 266 -6.70 6.26 14.26
CA LEU A 266 -7.53 5.06 14.19
C LEU A 266 -8.88 5.26 14.89
N ARG A 267 -8.86 5.87 16.07
CA ARG A 267 -10.08 6.11 16.81
C ARG A 267 -10.99 7.07 16.02
N LEU A 268 -10.40 8.10 15.44
CA LEU A 268 -11.17 9.13 14.72
C LEU A 268 -11.84 8.56 13.46
N ILE A 269 -11.09 7.78 12.66
CA ILE A 269 -11.65 7.17 11.46
C ILE A 269 -12.70 6.11 11.77
N ASN A 270 -12.44 5.27 12.79
CA ASN A 270 -13.40 4.23 13.17
C ASN A 270 -14.69 4.81 13.69
N THR A 271 -14.60 5.95 14.37
CA THR A 271 -15.79 6.63 14.85
C THR A 271 -16.64 7.12 13.66
N GLN A 272 -16.00 7.69 12.64
CA GLN A 272 -16.69 8.01 11.39
C GLN A 272 -17.35 6.78 10.77
N ALA A 273 -16.63 5.68 10.73
CA ALA A 273 -17.14 4.46 10.09
C ALA A 273 -18.31 3.86 10.86
N ILE A 274 -18.22 3.92 12.19
CA ILE A 274 -19.16 3.24 13.06
C ILE A 274 -20.48 4.00 13.17
N PHE A 275 -20.43 5.33 13.04
CA PHE A 275 -21.64 6.14 13.21
C PHE A 275 -22.21 6.67 11.91
N ALA A 276 -21.69 6.17 10.78
CA ALA A 276 -22.27 6.52 9.48
C ALA A 276 -23.68 5.92 9.36
N LYS A 277 -24.61 6.71 8.83
CA LYS A 277 -25.97 6.22 8.56
C LYS A 277 -25.93 5.26 7.39
N CYS A 278 -25.04 5.56 6.44
CA CYS A 278 -24.84 4.75 5.27
C CYS A 278 -23.44 5.05 4.76
N THR A 279 -22.76 4.07 4.15
CA THR A 279 -21.40 4.32 3.67
CA THR A 279 -21.37 4.22 3.70
C THR A 279 -21.20 3.94 2.21
N GLY A 280 -20.46 4.79 1.53
CA GLY A 280 -20.04 4.57 0.14
C GLY A 280 -18.54 4.72 0.10
N MET A 281 -17.93 4.00 -0.84
CA MET A 281 -16.51 4.07 -1.09
C MET A 281 -16.22 4.23 -2.57
N ILE A 282 -15.28 5.10 -2.87
CA ILE A 282 -14.71 5.21 -4.18
C ILE A 282 -13.21 5.07 -4.00
N ILE A 283 -12.63 4.03 -4.59
CA ILE A 283 -11.23 3.67 -4.36
C ILE A 283 -10.47 3.66 -5.69
N LEU A 284 -9.44 4.48 -5.78
CA LEU A 284 -8.66 4.66 -7.01
C LEU A 284 -7.23 4.17 -6.84
N GLY A 285 -6.79 3.36 -7.79
CA GLY A 285 -5.39 2.98 -7.88
C GLY A 285 -5.02 1.76 -7.09
N GLY A 286 -5.75 1.47 -6.03
CA GLY A 286 -5.43 0.35 -5.15
C GLY A 286 -6.69 -0.32 -4.67
N GLY A 287 -6.55 -1.13 -3.63
CA GLY A 287 -7.68 -1.85 -3.07
C GLY A 287 -8.03 -1.34 -1.69
N VAL A 288 -8.91 -2.06 -1.01
CA VAL A 288 -9.31 -1.68 0.34
C VAL A 288 -8.47 -2.41 1.39
N VAL A 289 -8.47 -1.86 2.60
CA VAL A 289 -7.87 -2.53 3.76
C VAL A 289 -8.74 -3.72 4.15
N LYS A 290 -8.13 -4.74 4.75
CA LYS A 290 -8.83 -5.91 5.27
C LYS A 290 -8.98 -5.78 6.76
N HIS A 291 -10.20 -5.51 7.21
CA HIS A 291 -10.46 -5.50 8.64
C HIS A 291 -11.95 -5.71 8.87
N HIS A 292 -12.37 -5.76 10.13
CA HIS A 292 -13.74 -6.12 10.48
C HIS A 292 -14.56 -4.98 11.10
N ILE A 293 -14.00 -3.78 11.13
CA ILE A 293 -14.64 -2.67 11.83
C ILE A 293 -16.06 -2.31 11.32
N ALA A 294 -16.32 -2.51 10.03
CA ALA A 294 -17.65 -2.18 9.48
C ALA A 294 -18.74 -3.03 10.12
N ASN A 295 -18.37 -4.23 10.56
CA ASN A 295 -19.30 -5.12 11.26
C ASN A 295 -19.77 -4.51 12.59
N ALA A 296 -19.06 -3.49 13.10
CA ALA A 296 -19.43 -2.82 14.36
C ALA A 296 -20.28 -1.54 14.18
N ASN A 297 -20.63 -1.18 12.94
CA ASN A 297 -21.57 -0.08 12.73
C ASN A 297 -22.96 -0.58 13.09
N LEU A 298 -23.54 -0.01 14.15
CA LEU A 298 -24.86 -0.47 14.66
C LEU A 298 -26.05 -0.21 13.73
N MET A 299 -25.99 0.88 12.98
CA MET A 299 -27.11 1.30 12.15
C MET A 299 -27.14 0.52 10.83
N ARG A 300 -25.96 0.34 10.22
CA ARG A 300 -25.84 -0.21 8.88
C ARG A 300 -24.44 -0.78 8.78
N ASN A 301 -24.27 -2.08 8.89
CA ASN A 301 -22.93 -2.65 8.79
C ASN A 301 -22.55 -2.91 7.34
N GLY A 302 -21.37 -2.46 6.97
CA GLY A 302 -20.86 -2.61 5.61
C GLY A 302 -21.31 -1.48 4.71
N ALA A 303 -20.53 -1.25 3.65
CA ALA A 303 -20.85 -0.26 2.64
C ALA A 303 -21.99 -0.70 1.73
N ASP A 304 -22.88 0.25 1.45
CA ASP A 304 -23.97 0.05 0.53
C ASP A 304 -23.54 0.29 -0.90
N TYR A 305 -22.46 1.03 -1.12
CA TYR A 305 -21.99 1.36 -2.48
C TYR A 305 -20.48 1.31 -2.50
N ALA A 306 -19.91 0.80 -3.58
CA ALA A 306 -18.47 0.79 -3.72
C ALA A 306 -18.07 0.67 -5.17
N VAL A 307 -17.13 1.52 -5.57
CA VAL A 307 -16.52 1.47 -6.88
C VAL A 307 -15.01 1.46 -6.73
N TYR A 308 -14.36 0.51 -7.38
CA TYR A 308 -12.88 0.47 -7.44
C TYR A 308 -12.53 0.79 -8.88
N ILE A 309 -11.49 1.61 -9.08
CA ILE A 309 -10.92 1.82 -10.38
C ILE A 309 -9.43 1.59 -10.29
N ASN A 310 -8.97 0.44 -10.81
CA ASN A 310 -7.55 0.12 -10.85
C ASN A 310 -7.27 -0.98 -11.87
N THR A 311 -5.99 -1.16 -12.18
CA THR A 311 -5.51 -2.15 -13.13
C THR A 311 -4.87 -3.36 -12.44
N ALA A 312 -4.91 -3.45 -11.12
CA ALA A 312 -4.31 -4.60 -10.43
C ALA A 312 -5.12 -5.88 -10.62
N GLN A 313 -4.43 -7.02 -10.64
CA GLN A 313 -5.06 -8.32 -10.87
C GLN A 313 -5.06 -9.13 -9.58
N GLU A 314 -6.09 -9.95 -9.39
CA GLU A 314 -6.29 -10.65 -8.12
C GLU A 314 -5.34 -11.83 -7.94
N PHE A 315 -4.76 -12.37 -9.02
CA PHE A 315 -4.24 -13.77 -8.98
C PHE A 315 -3.07 -14.02 -8.00
N ASP A 316 -2.36 -12.97 -7.60
CA ASP A 316 -1.27 -13.08 -6.62
C ASP A 316 -1.75 -12.93 -5.16
N GLY A 317 -3.06 -12.75 -4.99
CA GLY A 317 -3.65 -12.58 -3.67
C GLY A 317 -3.47 -11.20 -3.08
N SER A 318 -2.99 -10.25 -3.87
CA SER A 318 -2.72 -8.89 -3.36
C SER A 318 -4.00 -8.14 -2.99
N ASP A 319 -3.88 -7.28 -1.99
CA ASP A 319 -4.96 -6.35 -1.61
C ASP A 319 -5.38 -5.50 -2.80
N SER A 320 -4.39 -4.94 -3.49
CA SER A 320 -4.68 -4.00 -4.54
C SER A 320 -5.52 -4.64 -5.65
N GLY A 321 -5.28 -5.92 -5.93
CA GLY A 321 -5.98 -6.63 -7.00
C GLY A 321 -7.25 -7.37 -6.60
N ALA A 322 -7.62 -7.33 -5.34
CA ALA A 322 -8.82 -8.06 -4.92
C ALA A 322 -10.10 -7.44 -5.50
N ARG A 323 -11.03 -8.29 -5.92
CA ARG A 323 -12.33 -7.82 -6.37
C ARG A 323 -13.13 -7.33 -5.16
N PRO A 324 -14.03 -6.37 -5.37
CA PRO A 324 -14.91 -5.96 -4.30
C PRO A 324 -15.58 -7.13 -3.58
N ASP A 325 -15.89 -8.22 -4.29
CA ASP A 325 -16.56 -9.35 -3.64
C ASP A 325 -15.71 -10.03 -2.57
N GLU A 326 -14.40 -9.81 -2.58
CA GLU A 326 -13.57 -10.28 -1.48
C GLU A 326 -13.94 -9.58 -0.18
N ALA A 327 -14.10 -8.27 -0.26
CA ALA A 327 -14.43 -7.45 0.89
C ALA A 327 -15.80 -7.77 1.44
N VAL A 328 -16.69 -8.30 0.61
CA VAL A 328 -17.99 -8.80 1.10
C VAL A 328 -17.79 -9.89 2.16
N SER A 329 -16.82 -10.79 1.94
CA SER A 329 -16.55 -11.82 2.96
C SER A 329 -16.05 -11.28 4.29
N TRP A 330 -15.42 -10.11 4.28
CA TRP A 330 -14.96 -9.44 5.51
C TRP A 330 -16.03 -8.58 6.17
N GLY A 331 -17.15 -8.36 5.48
CA GLY A 331 -18.21 -7.48 6.00
C GLY A 331 -18.03 -6.01 5.67
N LYS A 332 -16.98 -5.69 4.92
CA LYS A 332 -16.65 -4.30 4.58
C LYS A 332 -17.61 -3.73 3.53
N ILE A 333 -18.08 -4.59 2.63
CA ILE A 333 -19.12 -4.26 1.66
C ILE A 333 -20.29 -5.23 1.93
N ARG A 334 -21.51 -4.70 1.92
CA ARG A 334 -22.71 -5.51 2.19
C ARG A 334 -22.98 -6.54 1.10
N VAL A 335 -23.60 -7.66 1.51
CA VAL A 335 -23.99 -8.73 0.60
C VAL A 335 -24.98 -8.18 -0.42
N ASP A 336 -25.84 -7.27 0.01
CA ASP A 336 -26.87 -6.74 -0.88
C ASP A 336 -26.41 -5.55 -1.74
N ALA A 337 -25.18 -5.10 -1.58
CA ALA A 337 -24.65 -4.03 -2.44
C ALA A 337 -24.36 -4.60 -3.83
N GLN A 338 -24.18 -3.72 -4.80
CA GLN A 338 -23.83 -4.10 -6.17
C GLN A 338 -22.56 -3.35 -6.52
N PRO A 339 -21.44 -3.70 -5.86
CA PRO A 339 -20.18 -3.00 -6.12
C PRO A 339 -19.66 -3.23 -7.54
N VAL A 340 -18.82 -2.33 -8.00
CA VAL A 340 -18.33 -2.37 -9.37
C VAL A 340 -16.84 -2.14 -9.34
N LYS A 341 -16.09 -2.91 -10.12
CA LYS A 341 -14.70 -2.59 -10.39
C LYS A 341 -14.54 -2.30 -11.88
N VAL A 342 -13.93 -1.16 -12.20
CA VAL A 342 -13.54 -0.84 -13.56
C VAL A 342 -12.04 -1.13 -13.65
N TYR A 343 -11.67 -2.06 -14.52
CA TYR A 343 -10.27 -2.48 -14.66
C TYR A 343 -9.63 -1.54 -15.68
N ALA A 344 -9.14 -0.41 -15.19
CA ALA A 344 -8.56 0.62 -16.03
C ALA A 344 -7.75 1.57 -15.17
N ASP A 345 -6.85 2.28 -15.84
CA ASP A 345 -6.03 3.34 -15.24
C ASP A 345 -6.98 4.47 -14.88
N ALA A 346 -6.97 4.88 -13.62
CA ALA A 346 -7.90 5.89 -13.12
C ALA A 346 -7.65 7.25 -13.77
N SER A 347 -6.44 7.48 -14.31
CA SER A 347 -6.16 8.73 -15.03
C SER A 347 -7.05 8.90 -16.24
N LEU A 348 -7.45 7.80 -16.87
CA LEU A 348 -8.39 7.82 -17.98
C LEU A 348 -9.84 7.87 -17.49
N VAL A 349 -10.16 7.03 -16.53
CA VAL A 349 -11.55 6.77 -16.18
C VAL A 349 -12.14 7.78 -15.19
N PHE A 350 -11.35 8.23 -14.21
CA PHE A 350 -11.96 8.98 -13.11
C PHE A 350 -12.56 10.33 -13.55
N PRO A 351 -11.86 11.07 -14.41
CA PRO A 351 -12.50 12.33 -14.86
C PRO A 351 -13.82 12.09 -15.63
N LEU A 352 -13.88 11.05 -16.45
CA LEU A 352 -15.12 10.67 -17.15
C LEU A 352 -16.23 10.31 -16.14
N LEU A 353 -15.86 9.57 -15.11
CA LEU A 353 -16.82 9.18 -14.08
C LEU A 353 -17.38 10.41 -13.39
N VAL A 354 -16.50 11.33 -13.01
CA VAL A 354 -16.91 12.57 -12.34
C VAL A 354 -17.81 13.40 -13.25
N ALA A 355 -17.44 13.48 -14.53
CA ALA A 355 -18.25 14.21 -15.52
C ALA A 355 -19.70 13.72 -15.55
N GLU A 356 -19.90 12.40 -15.45
CA GLU A 356 -21.23 11.81 -15.50
C GLU A 356 -21.95 11.70 -14.16
N THR A 357 -21.30 12.09 -13.06
CA THR A 357 -21.88 11.90 -11.74
C THR A 357 -21.87 13.21 -10.94
N PHE A 358 -20.82 13.42 -10.13
CA PHE A 358 -20.74 14.57 -9.26
C PHE A 358 -20.90 15.92 -10.00
N ALA A 359 -20.27 16.05 -11.16
CA ALA A 359 -20.27 17.31 -11.89
C ALA A 359 -21.67 17.70 -12.41
N GLN A 360 -22.53 16.70 -12.62
CA GLN A 360 -23.93 16.91 -13.03
CA GLN A 360 -23.90 17.01 -13.05
C GLN A 360 -24.80 17.41 -11.89
N LYS A 361 -24.36 17.19 -10.65
CA LYS A 361 -25.15 17.53 -9.44
C LYS A 361 -24.47 18.61 -8.63
N MET A 362 -23.62 19.40 -9.26
CA MET A 362 -22.81 20.34 -8.52
C MET A 362 -23.65 21.35 -7.75
N ASP A 363 -24.77 21.77 -8.34
CA ASP A 363 -25.64 22.75 -7.69
C ASP A 363 -26.20 22.24 -6.37
N ALA A 364 -26.50 20.94 -6.30
CA ALA A 364 -27.02 20.31 -5.06
C ALA A 364 -26.01 20.32 -3.93
N PHE A 365 -24.74 20.49 -4.27
CA PHE A 365 -23.67 20.54 -3.27
C PHE A 365 -23.25 21.98 -2.95
N MET A 366 -23.79 22.96 -3.67
CA MET A 366 -23.48 24.38 -3.44
C MET A 366 -24.53 25.11 -2.62
N ALA B 18 16.78 -10.35 -47.19
CA ALA B 18 18.21 -10.66 -47.50
C ALA B 18 18.87 -9.55 -48.34
N ALA B 19 18.23 -9.21 -49.45
CA ALA B 19 18.54 -7.96 -50.16
C ALA B 19 18.06 -6.73 -49.37
N VAL B 20 17.20 -6.94 -48.37
CA VAL B 20 16.55 -5.83 -47.65
C VAL B 20 16.86 -5.79 -46.16
N LEU B 21 17.61 -6.76 -45.65
CA LEU B 21 17.96 -6.80 -44.23
C LEU B 21 19.43 -6.47 -43.99
N LYS B 22 19.70 -5.67 -42.96
CA LYS B 22 21.07 -5.31 -42.59
C LYS B 22 21.86 -6.54 -42.13
N HIS B 23 23.13 -6.61 -42.54
CA HIS B 23 24.04 -7.64 -42.03
C HIS B 23 24.16 -7.48 -40.52
N SER B 24 24.20 -8.60 -39.81
CA SER B 24 24.19 -8.57 -38.36
C SER B 24 25.61 -8.32 -37.82
N SER B 25 25.74 -7.38 -36.90
CA SER B 25 27.02 -7.12 -36.24
C SER B 25 27.23 -8.25 -35.25
N THR B 26 28.30 -9.01 -35.44
CA THR B 26 28.65 -10.12 -34.56
C THR B 26 28.41 -9.73 -33.10
N LEU B 27 27.71 -10.58 -32.35
CA LEU B 27 27.38 -10.29 -30.96
C LEU B 27 28.62 -10.46 -30.08
N PRO B 28 28.64 -9.80 -28.91
CA PRO B 28 29.76 -9.93 -27.96
C PRO B 28 30.16 -11.39 -27.72
N PRO B 29 31.47 -11.67 -27.53
CA PRO B 29 31.88 -13.06 -27.28
C PRO B 29 31.34 -13.71 -25.97
N GLU B 30 30.90 -12.90 -25.00
CA GLU B 30 30.21 -13.43 -23.81
C GLU B 30 28.68 -13.39 -23.98
N SER B 31 28.22 -13.55 -25.23
CA SER B 31 26.80 -13.57 -25.54
C SER B 31 26.26 -14.99 -25.30
N THR B 32 25.16 -15.10 -24.57
CA THR B 32 24.65 -16.39 -24.09
C THR B 32 23.51 -16.91 -24.96
N GLN B 33 23.63 -18.16 -25.40
CA GLN B 33 22.62 -18.78 -26.26
C GLN B 33 21.45 -19.31 -25.45
N VAL B 34 20.26 -19.23 -26.04
CA VAL B 34 19.06 -19.77 -25.42
C VAL B 34 19.06 -21.29 -25.51
N ARG B 35 18.83 -21.95 -24.38
CA ARG B 35 18.70 -23.41 -24.34
C ARG B 35 17.96 -23.83 -23.06
N GLY B 36 16.92 -24.64 -23.19
CA GLY B 36 16.19 -25.12 -22.02
C GLY B 36 16.80 -26.40 -21.47
N TYR B 37 16.29 -26.81 -20.31
CA TYR B 37 16.66 -28.08 -19.70
C TYR B 37 16.17 -29.24 -20.56
N ASP B 38 17.04 -30.24 -20.73
CA ASP B 38 16.76 -31.45 -21.50
C ASP B 38 16.37 -32.61 -20.59
N PHE B 39 15.07 -32.93 -20.61
CA PHE B 39 14.55 -33.99 -19.76
C PHE B 39 15.01 -35.40 -20.19
N ASN B 40 15.65 -35.52 -21.35
CA ASN B 40 16.32 -36.77 -21.67
C ASN B 40 17.46 -37.09 -20.67
N ARG B 41 17.93 -36.10 -19.92
CA ARG B 41 18.87 -36.34 -18.81
C ARG B 41 18.20 -36.97 -17.58
N GLY B 42 16.88 -37.03 -17.57
CA GLY B 42 16.10 -37.30 -16.37
C GLY B 42 15.80 -36.02 -15.60
N VAL B 43 15.51 -36.16 -14.32
CA VAL B 43 15.10 -35.05 -13.51
C VAL B 43 16.09 -34.81 -12.37
N ASN B 44 17.01 -33.89 -12.60
CA ASN B 44 17.85 -33.33 -11.57
C ASN B 44 17.35 -31.92 -11.35
N TYR B 45 16.71 -31.69 -10.21
CA TYR B 45 16.01 -30.41 -9.98
C TYR B 45 16.95 -29.22 -9.89
N ARG B 46 18.16 -29.45 -9.40
CA ARG B 46 19.13 -28.38 -9.32
C ARG B 46 19.55 -27.93 -10.72
N ALA B 47 19.82 -28.89 -11.60
CA ALA B 47 20.15 -28.59 -13.00
C ALA B 47 18.95 -27.95 -13.70
N LEU B 48 17.73 -28.38 -13.36
CA LEU B 48 16.52 -27.77 -13.91
C LEU B 48 16.42 -26.29 -13.53
N LEU B 49 16.60 -25.98 -12.26
CA LEU B 49 16.58 -24.58 -11.80
C LEU B 49 17.73 -23.79 -12.44
N GLU B 50 18.91 -24.40 -12.56
CA GLU B 50 20.04 -23.71 -13.21
C GLU B 50 19.74 -23.34 -14.67
N ALA B 51 19.01 -24.19 -15.36
CA ALA B 51 18.67 -23.96 -16.75
C ALA B 51 17.69 -22.80 -16.97
N PHE B 52 17.03 -22.32 -15.92
CA PHE B 52 16.14 -21.17 -16.07
C PHE B 52 16.89 -19.96 -16.66
N GLY B 53 18.15 -19.80 -16.26
CA GLY B 53 18.98 -18.67 -16.72
C GLY B 53 19.04 -18.51 -18.23
N THR B 54 19.07 -19.61 -18.95
CA THR B 54 19.21 -19.61 -20.41
C THR B 54 17.89 -19.96 -21.11
N THR B 55 16.81 -19.98 -20.37
CA THR B 55 15.50 -20.33 -20.93
C THR B 55 14.79 -19.11 -21.53
N GLY B 56 15.04 -17.91 -20.99
CA GLY B 56 14.45 -16.72 -21.56
C GLY B 56 13.27 -16.19 -20.75
N PHE B 57 12.82 -14.99 -21.11
CA PHE B 57 11.68 -14.34 -20.45
C PHE B 57 11.88 -14.33 -18.93
N GLN B 58 10.85 -14.57 -18.13
CA GLN B 58 11.02 -14.45 -16.70
C GLN B 58 11.88 -15.52 -16.08
N ALA B 59 12.04 -16.66 -16.76
CA ALA B 59 12.97 -17.68 -16.30
C ALA B 59 14.39 -17.11 -16.25
N THR B 60 14.77 -16.37 -17.28
CA THR B 60 16.06 -15.67 -17.29
C THR B 60 16.16 -14.66 -16.15
N ASN B 61 15.09 -13.91 -15.90
CA ASN B 61 15.09 -12.99 -14.78
C ASN B 61 15.24 -13.72 -13.45
N PHE B 62 14.66 -14.91 -13.34
CA PHE B 62 14.87 -15.71 -12.16
C PHE B 62 16.35 -16.02 -11.96
N GLY B 63 17.01 -16.46 -13.02
CA GLY B 63 18.46 -16.73 -12.97
C GLY B 63 19.27 -15.52 -12.55
N ARG B 64 18.91 -14.37 -13.11
CA ARG B 64 19.55 -13.09 -12.75
CA ARG B 64 19.58 -13.11 -12.76
C ARG B 64 19.31 -12.77 -11.28
N ALA B 65 18.12 -13.08 -10.79
CA ALA B 65 17.79 -12.82 -9.40
C ALA B 65 18.64 -13.68 -8.45
N VAL B 66 18.76 -14.95 -8.78
CA VAL B 66 19.63 -15.85 -8.01
C VAL B 66 21.06 -15.29 -7.89
N GLN B 67 21.58 -14.80 -9.01
CA GLN B 67 22.93 -14.22 -9.06
C GLN B 67 23.05 -12.98 -8.20
N GLN B 68 22.04 -12.12 -8.24
CA GLN B 68 22.02 -10.91 -7.44
C GLN B 68 21.92 -11.20 -5.94
N VAL B 69 21.02 -12.12 -5.56
CA VAL B 69 20.88 -12.47 -4.16
C VAL B 69 22.16 -13.14 -3.64
N ASN B 70 22.77 -14.01 -4.43
CA ASN B 70 24.04 -14.63 -4.02
C ASN B 70 25.14 -13.59 -3.84
N ALA B 71 25.17 -12.57 -4.69
CA ALA B 71 26.16 -11.49 -4.58
C ALA B 71 25.95 -10.72 -3.29
N MET B 72 24.69 -10.47 -2.97
CA MET B 72 24.31 -9.79 -1.77
C MET B 72 24.75 -10.59 -0.53
N ILE B 73 24.55 -11.91 -0.57
CA ILE B 73 24.90 -12.76 0.55
C ILE B 73 26.41 -12.81 0.72
N GLU B 74 27.14 -12.98 -0.37
CA GLU B 74 28.60 -12.98 -0.30
C GLU B 74 29.16 -11.68 0.26
N LYS B 75 28.57 -10.55 -0.12
CA LYS B 75 28.95 -9.27 0.42
C LYS B 75 28.71 -9.23 1.91
N LYS B 76 27.54 -9.70 2.35
CA LYS B 76 27.19 -9.68 3.77
C LYS B 76 28.16 -10.48 4.61
N LEU B 77 28.61 -11.60 4.05
CA LEU B 77 29.49 -12.51 4.74
C LEU B 77 30.97 -12.08 4.79
N GLU B 78 31.34 -11.02 4.08
CA GLU B 78 32.69 -10.47 4.20
C GLU B 78 32.88 -9.92 5.61
N PRO B 79 34.03 -10.23 6.25
CA PRO B 79 34.28 -9.67 7.58
C PRO B 79 34.35 -8.15 7.55
N LEU B 80 33.82 -7.48 8.56
CA LEU B 80 34.07 -6.04 8.70
C LEU B 80 35.58 -5.72 8.81
N ASP B 85 33.37 1.39 12.78
CA ASP B 85 32.44 2.28 13.49
C ASP B 85 30.98 1.82 13.35
N GLN B 86 30.35 1.55 14.49
CA GLN B 86 29.00 1.00 14.54
C GLN B 86 27.88 2.07 14.63
N HIS B 87 28.23 3.28 15.09
CA HIS B 87 27.29 4.37 15.28
C HIS B 87 26.11 3.97 16.19
N ALA B 88 26.39 3.12 17.19
CA ALA B 88 25.34 2.57 18.08
C ALA B 88 24.60 3.65 18.87
N ASP B 89 25.26 4.78 19.11
CA ASP B 89 24.62 5.95 19.75
C ASP B 89 23.43 6.46 18.92
N LEU B 90 23.62 6.52 17.60
CA LEU B 90 22.58 7.03 16.70
C LEU B 90 21.59 5.95 16.24
N THR B 91 22.05 4.71 16.03
CA THR B 91 21.16 3.61 15.60
C THR B 91 20.21 3.17 16.71
N GLN B 92 20.67 3.28 17.96
CA GLN B 92 19.91 2.82 19.14
C GLN B 92 19.53 1.34 18.98
N SER B 93 20.46 0.58 18.41
CA SER B 93 20.17 -0.79 18.02
C SER B 93 21.11 -1.77 18.69
N ARG B 94 20.54 -2.90 19.08
CA ARG B 94 21.28 -4.02 19.67
C ARG B 94 21.91 -4.91 18.59
N ARG B 95 21.54 -4.72 17.32
CA ARG B 95 22.05 -5.55 16.24
C ARG B 95 23.32 -4.95 15.61
N PRO B 96 24.45 -5.67 15.67
CA PRO B 96 25.64 -5.11 15.06
C PRO B 96 25.54 -4.99 13.53
N LEU B 97 26.11 -3.91 12.99
CA LEU B 97 26.24 -3.76 11.55
C LEU B 97 27.11 -4.89 10.98
N THR B 98 26.80 -5.29 9.75
CA THR B 98 27.59 -6.26 8.99
C THR B 98 28.02 -5.57 7.70
N SER B 99 28.70 -6.31 6.82
CA SER B 99 29.18 -5.73 5.58
C SER B 99 28.05 -5.46 4.56
N CYS B 100 26.87 -6.01 4.80
CA CYS B 100 25.72 -5.64 3.98
C CYS B 100 24.45 -5.78 4.78
N THR B 101 23.72 -4.69 4.92
CA THR B 101 22.42 -4.70 5.56
C THR B 101 21.36 -5.11 4.55
N ILE B 102 20.68 -6.23 4.81
CA ILE B 102 19.63 -6.69 3.91
C ILE B 102 18.21 -6.34 4.45
N PHE B 103 17.46 -5.57 3.64
CA PHE B 103 16.07 -5.27 3.94
C PHE B 103 15.17 -6.28 3.23
N LEU B 104 14.29 -6.94 3.96
CA LEU B 104 13.32 -7.84 3.38
C LEU B 104 11.94 -7.25 3.53
N GLY B 105 11.29 -7.01 2.40
CA GLY B 105 9.97 -6.42 2.37
C GLY B 105 8.97 -7.36 1.75
N TYR B 106 7.75 -7.37 2.29
CA TYR B 106 6.70 -8.23 1.77
C TYR B 106 5.31 -7.68 2.14
N THR B 107 4.37 -7.94 1.25
CA THR B 107 2.97 -7.57 1.49
C THR B 107 2.33 -8.64 2.37
N SER B 108 1.27 -8.23 3.07
CA SER B 108 0.63 -9.09 4.06
CA SER B 108 0.59 -9.07 4.04
C SER B 108 0.04 -10.38 3.48
N ASN B 109 -0.45 -10.34 2.24
CA ASN B 109 -0.96 -11.56 1.63
C ASN B 109 0.10 -12.69 1.66
N LEU B 110 1.37 -12.35 1.56
CA LEU B 110 2.42 -13.38 1.56
C LEU B 110 2.56 -14.10 2.89
N ILE B 111 2.24 -13.39 3.97
CA ILE B 111 2.23 -14.00 5.32
C ILE B 111 1.03 -14.91 5.52
N SER B 112 -0.08 -14.65 4.84
CA SER B 112 -1.23 -15.58 4.82
C SER B 112 -0.91 -16.83 4.06
N SER B 113 -0.08 -16.70 3.03
CA SER B 113 0.37 -17.83 2.24
C SER B 113 1.44 -18.62 2.99
N GLY B 114 1.80 -19.77 2.43
CA GLY B 114 2.91 -20.55 2.93
C GLY B 114 4.28 -19.89 2.80
N ILE B 115 4.38 -18.75 2.12
CA ILE B 115 5.64 -18.02 2.09
C ILE B 115 6.01 -17.52 3.50
N ARG B 116 5.05 -17.52 4.40
CA ARG B 116 5.32 -17.31 5.82
C ARG B 116 6.43 -18.23 6.35
N GLU B 117 6.38 -19.49 5.96
CA GLU B 117 7.42 -20.46 6.35
C GLU B 117 8.78 -20.11 5.78
N THR B 118 8.81 -19.63 4.55
CA THR B 118 10.07 -19.23 3.90
C THR B 118 10.68 -18.01 4.59
N ILE B 119 9.84 -17.02 4.89
CA ILE B 119 10.30 -15.82 5.56
C ILE B 119 10.78 -16.16 6.97
N ARG B 120 10.02 -16.98 7.67
CA ARG B 120 10.40 -17.39 9.00
C ARG B 120 11.80 -18.02 9.03
N TYR B 121 12.06 -18.90 8.07
CA TYR B 121 13.35 -19.56 7.97
C TYR B 121 14.49 -18.56 7.88
N LEU B 122 14.35 -17.58 7.00
CA LEU B 122 15.36 -16.54 6.85
C LEU B 122 15.59 -15.73 8.12
N VAL B 123 14.50 -15.37 8.79
CA VAL B 123 14.56 -14.62 10.04
C VAL B 123 15.17 -15.45 11.18
N GLN B 124 14.68 -16.68 11.33
CA GLN B 124 15.20 -17.63 12.30
C GLN B 124 16.72 -17.77 12.21
N HIS B 125 17.26 -17.78 11.00
CA HIS B 125 18.70 -17.98 10.82
C HIS B 125 19.47 -16.68 10.63
N ASN B 126 18.84 -15.55 10.96
CA ASN B 126 19.53 -14.27 10.99
C ASN B 126 20.09 -13.85 9.65
N MET B 127 19.39 -14.22 8.59
CA MET B 127 19.87 -14.03 7.24
C MET B 127 19.53 -12.65 6.69
N VAL B 128 18.61 -11.95 7.34
CA VAL B 128 18.27 -10.57 6.96
C VAL B 128 18.30 -9.69 8.18
N ASP B 129 18.31 -8.38 7.96
CA ASP B 129 18.57 -7.43 9.02
C ASP B 129 17.40 -6.51 9.40
N VAL B 130 16.49 -6.28 8.47
CA VAL B 130 15.34 -5.41 8.71
C VAL B 130 14.15 -5.98 7.95
N LEU B 131 13.00 -6.07 8.61
CA LEU B 131 11.75 -6.48 7.98
C LEU B 131 10.83 -5.28 7.84
N VAL B 132 10.23 -5.15 6.66
CA VAL B 132 9.25 -4.13 6.36
C VAL B 132 8.04 -4.81 5.73
N THR B 133 6.85 -4.48 6.23
CA THR B 133 5.63 -5.09 5.76
C THR B 133 4.45 -4.11 5.76
N THR B 134 3.31 -4.60 5.31
CA THR B 134 2.12 -3.78 5.16
C THR B 134 1.08 -4.24 6.17
N ALA B 135 -0.04 -3.53 6.19
CA ALA B 135 -1.12 -3.79 7.12
C ALA B 135 -1.58 -5.23 7.00
N GLY B 136 -1.67 -5.95 8.11
CA GLY B 136 -2.05 -7.39 8.10
C GLY B 136 -0.86 -8.31 8.23
N GLY B 137 0.31 -7.81 7.85
CA GLY B 137 1.51 -8.62 7.71
C GLY B 137 2.10 -9.13 9.02
N VAL B 138 1.74 -8.50 10.14
CA VAL B 138 2.12 -8.94 11.47
C VAL B 138 1.11 -9.92 12.01
N GLU B 139 -0.15 -9.48 12.10
CA GLU B 139 -1.17 -10.28 12.77
C GLU B 139 -1.44 -11.63 12.12
N GLU B 140 -1.37 -11.72 10.79
CA GLU B 140 -1.66 -13.02 10.16
C GLU B 140 -0.61 -14.10 10.58
N ASP B 141 0.62 -13.67 10.86
CA ASP B 141 1.65 -14.61 11.36
C ASP B 141 1.31 -15.08 12.79
N LEU B 142 0.83 -14.16 13.62
CA LEU B 142 0.50 -14.49 15.00
C LEU B 142 -0.75 -15.35 15.05
N ILE B 143 -1.76 -15.00 14.25
CA ILE B 143 -3.00 -15.75 14.20
C ILE B 143 -2.80 -17.20 13.78
N LYS B 144 -1.88 -17.44 12.85
CA LYS B 144 -1.55 -18.81 12.43
C LYS B 144 -0.95 -19.66 13.54
N CYS B 145 -0.42 -19.03 14.57
CA CYS B 145 0.03 -19.76 15.75
C CYS B 145 -1.14 -20.20 16.61
N LEU B 146 -2.31 -19.57 16.43
CA LEU B 146 -3.50 -19.90 17.20
C LEU B 146 -4.45 -20.82 16.43
N ALA B 147 -4.53 -20.69 15.11
CA ALA B 147 -5.45 -21.47 14.30
C ALA B 147 -5.04 -21.38 12.82
N PRO B 148 -5.38 -22.39 12.03
CA PRO B 148 -4.91 -22.44 10.63
C PRO B 148 -5.73 -21.63 9.60
N THR B 149 -5.06 -21.32 8.50
CA THR B 149 -5.66 -20.78 7.28
C THR B 149 -5.85 -21.98 6.34
N TYR B 150 -6.92 -21.95 5.56
CA TYR B 150 -7.23 -23.05 4.65
C TYR B 150 -7.18 -22.66 3.17
N LEU B 151 -6.99 -23.66 2.30
CA LEU B 151 -7.08 -23.48 0.84
C LEU B 151 -8.53 -23.36 0.39
N GLY B 152 -8.78 -22.46 -0.55
CA GLY B 152 -10.10 -22.28 -1.13
C GLY B 152 -9.92 -22.00 -2.61
N GLU B 153 -10.69 -21.05 -3.14
CA GLU B 153 -10.61 -20.66 -4.54
C GLU B 153 -10.89 -19.17 -4.65
N PHE B 154 -10.36 -18.53 -5.69
CA PHE B 154 -10.57 -17.10 -5.89
C PHE B 154 -12.04 -16.78 -6.15
N SER B 155 -12.74 -17.71 -6.80
CA SER B 155 -14.08 -17.45 -7.26
C SER B 155 -15.18 -17.60 -6.20
N LEU B 156 -14.81 -18.00 -4.98
CA LEU B 156 -15.81 -18.20 -3.93
C LEU B 156 -16.52 -16.88 -3.63
N ARG B 157 -17.86 -16.95 -3.58
CA ARG B 157 -18.68 -15.76 -3.49
C ARG B 157 -18.78 -15.25 -2.06
N GLY B 158 -18.71 -13.93 -1.92
CA GLY B 158 -18.76 -13.27 -0.62
C GLY B 158 -20.01 -13.63 0.17
N LYS B 159 -21.14 -13.77 -0.52
CA LYS B 159 -22.41 -14.12 0.12
C LYS B 159 -22.32 -15.46 0.86
N GLU B 160 -21.86 -16.50 0.18
CA GLU B 160 -21.71 -17.83 0.74
C GLU B 160 -20.69 -17.85 1.88
N LEU B 161 -19.57 -17.15 1.69
CA LEU B 161 -18.53 -17.10 2.72
C LEU B 161 -19.03 -16.41 4.00
N ARG B 162 -19.74 -15.32 3.82
CA ARG B 162 -20.35 -14.60 4.94
C ARG B 162 -21.35 -15.48 5.69
N GLU B 163 -22.17 -16.23 4.96
CA GLU B 163 -23.15 -17.12 5.60
C GLU B 163 -22.44 -18.21 6.43
N ASN B 164 -21.18 -18.52 6.09
CA ASN B 164 -20.42 -19.54 6.81
C ASN B 164 -19.29 -19.02 7.70
N GLY B 165 -19.27 -17.71 7.91
CA GLY B 165 -18.31 -17.06 8.81
C GLY B 165 -16.86 -17.24 8.40
N ILE B 166 -16.60 -17.11 7.10
CA ILE B 166 -15.26 -17.29 6.54
CA ILE B 166 -15.26 -17.29 6.53
C ILE B 166 -14.85 -16.05 5.74
N ASN B 167 -13.60 -15.62 5.94
CA ASN B 167 -12.99 -14.47 5.25
C ASN B 167 -12.10 -14.97 4.15
N ARG B 168 -12.14 -14.32 2.98
CA ARG B 168 -11.28 -14.72 1.86
C ARG B 168 -10.10 -13.79 1.73
N ILE B 169 -8.94 -14.39 1.44
CA ILE B 169 -7.72 -13.69 1.09
C ILE B 169 -7.19 -14.42 -0.14
N GLY B 170 -7.48 -13.87 -1.33
CA GLY B 170 -7.14 -14.53 -2.59
C GLY B 170 -7.86 -15.87 -2.69
N ASN B 171 -7.09 -16.95 -2.80
CA ASN B 171 -7.70 -18.29 -2.75
C ASN B 171 -7.52 -18.97 -1.38
N LEU B 172 -7.31 -18.17 -0.35
CA LEU B 172 -7.13 -18.66 1.01
C LEU B 172 -8.37 -18.30 1.83
N LEU B 173 -8.62 -19.05 2.89
CA LEU B 173 -9.82 -18.87 3.73
C LEU B 173 -9.44 -18.81 5.20
N VAL B 174 -9.91 -17.78 5.89
CA VAL B 174 -9.63 -17.64 7.30
C VAL B 174 -10.94 -17.53 8.09
N PRO B 175 -11.26 -18.54 8.92
CA PRO B 175 -12.51 -18.43 9.70
C PRO B 175 -12.54 -17.21 10.61
N ASN B 176 -13.73 -16.62 10.79
CA ASN B 176 -13.95 -15.55 11.76
C ASN B 176 -13.40 -15.92 13.15
N GLU B 177 -13.54 -17.17 13.53
CA GLU B 177 -13.09 -17.60 14.88
C GLU B 177 -11.61 -17.35 15.13
N ASN B 178 -10.81 -17.41 14.05
CA ASN B 178 -9.37 -17.18 14.15
C ASN B 178 -9.11 -15.78 14.71
N TYR B 179 -9.87 -14.81 14.22
CA TYR B 179 -9.76 -13.43 14.68
C TYR B 179 -10.32 -13.25 16.11
N CYS B 180 -11.34 -14.02 16.45
CA CYS B 180 -11.84 -14.07 17.85
C CYS B 180 -10.80 -14.63 18.83
N LYS B 181 -10.13 -15.72 18.45
CA LYS B 181 -9.02 -16.23 19.23
C LYS B 181 -7.89 -15.23 19.39
N PHE B 182 -7.57 -14.52 18.32
CA PHE B 182 -6.55 -13.48 18.37
C PHE B 182 -6.92 -12.39 19.35
N GLU B 183 -8.15 -11.93 19.29
CA GLU B 183 -8.63 -10.94 20.24
C GLU B 183 -8.44 -11.39 21.68
N ASP B 184 -8.80 -12.62 21.99
CA ASP B 184 -8.71 -13.12 23.35
C ASP B 184 -7.25 -13.17 23.80
N TRP B 185 -6.37 -13.63 22.91
CA TRP B 185 -4.94 -13.69 23.20
C TRP B 185 -4.37 -12.29 23.41
N LEU B 186 -4.82 -11.35 22.58
CA LEU B 186 -4.17 -10.04 22.53
C LEU B 186 -4.55 -9.13 23.68
N MET B 187 -5.80 -9.19 24.12
CA MET B 187 -6.31 -8.21 25.07
C MET B 187 -5.46 -8.03 26.37
N PRO B 188 -5.05 -9.13 27.02
CA PRO B 188 -4.22 -8.93 28.22
C PRO B 188 -2.82 -8.43 27.93
N ILE B 189 -2.33 -8.61 26.70
CA ILE B 189 -1.06 -8.02 26.32
C ILE B 189 -1.20 -6.51 26.16
N LEU B 190 -2.27 -6.09 25.49
CA LEU B 190 -2.55 -4.67 25.36
C LEU B 190 -2.72 -4.00 26.75
N ASP B 191 -3.36 -4.69 27.69
CA ASP B 191 -3.46 -4.20 29.07
C ASP B 191 -2.07 -3.92 29.65
N GLN B 192 -1.15 -4.87 29.48
CA GLN B 192 0.20 -4.69 29.99
C GLN B 192 0.91 -3.54 29.30
N MET B 193 0.71 -3.39 28.00
CA MET B 193 1.36 -2.29 27.27
C MET B 193 0.91 -0.92 27.78
N VAL B 194 -0.38 -0.79 28.07
CA VAL B 194 -0.90 0.48 28.55
C VAL B 194 -0.33 0.74 29.95
N MET B 195 -0.32 -0.28 30.80
CA MET B 195 0.22 -0.15 32.16
C MET B 195 1.71 0.22 32.11
N GLU B 196 2.48 -0.41 31.22
CA GLU B 196 3.91 -0.11 31.08
C GLU B 196 4.15 1.32 30.54
N GLN B 197 3.30 1.76 29.63
CA GLN B 197 3.36 3.13 29.14
C GLN B 197 3.13 4.13 30.27
N ASN B 198 2.11 3.89 31.07
CA ASN B 198 1.64 4.89 32.04
C ASN B 198 2.50 4.93 33.30
N THR B 199 3.08 3.80 33.67
CA THR B 199 3.80 3.72 34.93
C THR B 199 5.28 3.39 34.81
N GLU B 200 5.75 2.94 33.66
CA GLU B 200 7.16 2.59 33.48
C GLU B 200 7.85 3.38 32.37
N GLY B 201 7.20 4.44 31.91
CA GLY B 201 7.78 5.34 30.92
C GLY B 201 7.97 4.79 29.50
N VAL B 202 7.41 3.62 29.19
CA VAL B 202 7.57 3.04 27.84
C VAL B 202 6.87 3.90 26.78
N LYS B 203 7.62 4.24 25.74
CA LYS B 203 7.09 5.01 24.62
C LYS B 203 6.93 4.06 23.41
N TRP B 204 5.71 3.57 23.23
CA TRP B 204 5.44 2.53 22.22
C TRP B 204 5.51 3.07 20.79
N THR B 205 6.04 2.23 19.90
CA THR B 205 6.01 2.43 18.49
C THR B 205 5.59 1.08 17.86
N PRO B 206 5.22 1.10 16.57
CA PRO B 206 4.92 -0.17 15.91
C PRO B 206 6.00 -1.23 16.04
N SER B 207 7.26 -0.87 15.80
CA SER B 207 8.33 -1.86 15.86
C SER B 207 8.50 -2.47 17.25
N LYS B 208 8.38 -1.65 18.29
CA LYS B 208 8.48 -2.14 19.66
C LYS B 208 7.28 -3.03 19.99
N MET B 209 6.10 -2.66 19.49
CA MET B 209 4.91 -3.50 19.70
C MET B 209 5.05 -4.86 19.03
N ILE B 210 5.54 -4.86 17.78
CA ILE B 210 5.70 -6.10 17.01
C ILE B 210 6.71 -7.02 17.69
N ALA B 211 7.79 -6.45 18.23
CA ALA B 211 8.76 -7.23 19.01
C ALA B 211 8.10 -7.86 20.23
N ARG B 212 7.29 -7.08 20.94
CA ARG B 212 6.59 -7.61 22.13
C ARG B 212 5.64 -8.75 21.78
N LEU B 213 4.87 -8.60 20.69
CA LEU B 213 3.92 -9.63 20.29
C LEU B 213 4.64 -10.91 19.89
N GLY B 214 5.79 -10.75 19.23
CA GLY B 214 6.64 -11.86 18.85
C GLY B 214 7.16 -12.58 20.07
N LYS B 215 7.59 -11.82 21.07
CA LYS B 215 8.05 -12.43 22.32
C LYS B 215 6.89 -13.18 22.99
N GLU B 216 5.73 -12.55 23.02
CA GLU B 216 4.57 -13.12 23.68
C GLU B 216 4.07 -14.39 23.01
N ILE B 217 4.07 -14.45 21.68
CA ILE B 217 3.52 -15.63 20.99
C ILE B 217 4.37 -16.86 21.28
N ASN B 218 5.67 -16.65 21.51
CA ASN B 218 6.55 -17.72 22.03
C ASN B 218 6.44 -19.05 21.28
N ASN B 219 6.48 -18.98 19.95
CA ASN B 219 6.17 -20.09 19.06
C ASN B 219 7.16 -20.03 17.90
N PRO B 220 7.98 -21.10 17.74
CA PRO B 220 9.02 -21.09 16.71
C PRO B 220 8.51 -21.19 15.27
N GLU B 221 7.21 -21.29 15.08
CA GLU B 221 6.65 -21.17 13.72
C GLU B 221 6.43 -19.72 13.32
N SER B 222 6.48 -18.82 14.29
CA SER B 222 6.21 -17.40 14.07
C SER B 222 7.42 -16.63 13.55
N VAL B 223 7.24 -15.92 12.44
CA VAL B 223 8.21 -14.95 11.93
C VAL B 223 8.63 -13.97 13.01
N TYR B 224 7.65 -13.41 13.72
CA TYR B 224 7.91 -12.32 14.64
C TYR B 224 8.52 -12.78 15.97
N TYR B 225 8.24 -14.01 16.36
CA TYR B 225 8.99 -14.65 17.45
C TYR B 225 10.50 -14.68 17.15
N TRP B 226 10.86 -15.17 15.97
CA TRP B 226 12.27 -15.22 15.58
C TRP B 226 12.89 -13.83 15.37
N ALA B 227 12.13 -12.89 14.82
CA ALA B 227 12.66 -11.54 14.62
C ALA B 227 13.10 -10.90 15.93
N GLN B 228 12.24 -10.98 16.94
CA GLN B 228 12.58 -10.40 18.24
C GLN B 228 13.70 -11.14 18.91
N LYS B 229 13.69 -12.47 18.80
CA LYS B 229 14.75 -13.28 19.41
C LYS B 229 16.11 -12.92 18.81
N ASN B 230 16.13 -12.66 17.49
CA ASN B 230 17.37 -12.31 16.79
C ASN B 230 17.60 -10.82 16.63
N HIS B 231 16.79 -10.01 17.29
CA HIS B 231 16.92 -8.55 17.22
C HIS B 231 16.84 -7.99 15.79
N ILE B 232 15.90 -8.51 15.01
CA ILE B 232 15.62 -7.98 13.68
C ILE B 232 14.39 -7.11 13.83
N PRO B 233 14.51 -5.79 13.62
CA PRO B 233 13.35 -4.95 13.81
C PRO B 233 12.37 -5.05 12.64
N VAL B 234 11.08 -4.82 12.94
CA VAL B 234 10.02 -4.84 11.99
C VAL B 234 9.36 -3.48 11.94
N PHE B 235 9.23 -2.94 10.75
CA PHE B 235 8.61 -1.64 10.56
C PHE B 235 7.34 -1.77 9.76
N SER B 236 6.27 -1.18 10.29
CA SER B 236 4.96 -1.21 9.68
C SER B 236 4.14 -0.04 10.18
N PRO B 237 4.36 1.16 9.61
CA PRO B 237 3.70 2.33 10.18
C PRO B 237 2.19 2.36 9.94
N ALA B 238 1.70 1.61 8.94
CA ALA B 238 0.26 1.43 8.74
C ALA B 238 -0.33 0.20 9.47
N LEU B 239 0.32 -0.18 10.56
CA LEU B 239 -0.07 -1.30 11.43
C LEU B 239 -1.58 -1.28 11.73
N THR B 240 -2.14 -0.09 11.93
CA THR B 240 -3.55 0.06 12.32
C THR B 240 -4.59 -0.17 11.21
N ASP B 241 -4.15 -0.32 9.96
CA ASP B 241 -5.06 -0.59 8.84
C ASP B 241 -5.61 -2.02 8.80
N GLY B 242 -5.16 -2.92 9.64
CA GLY B 242 -5.62 -4.32 9.56
C GLY B 242 -6.42 -4.72 10.79
N SER B 243 -6.48 -6.03 11.02
CA SER B 243 -7.16 -6.60 12.16
C SER B 243 -6.63 -6.06 13.49
N LEU B 244 -5.33 -5.80 13.54
CA LEU B 244 -4.72 -5.28 14.74
C LEU B 244 -5.32 -3.94 15.13
N GLY B 245 -5.67 -3.13 14.13
CA GLY B 245 -6.37 -1.90 14.33
C GLY B 245 -7.73 -2.11 14.97
N ASP B 246 -8.51 -3.08 14.47
CA ASP B 246 -9.78 -3.42 15.06
C ASP B 246 -9.58 -3.68 16.56
N MET B 247 -8.56 -4.45 16.89
CA MET B 247 -8.31 -4.88 18.26
C MET B 247 -7.90 -3.74 19.15
N ILE B 248 -6.94 -2.95 18.68
CA ILE B 248 -6.51 -1.78 19.42
C ILE B 248 -7.71 -0.86 19.71
N PHE B 249 -8.56 -0.68 18.71
CA PHE B 249 -9.73 0.18 18.82
C PHE B 249 -10.72 -0.38 19.85
N PHE B 250 -11.10 -1.64 19.72
CA PHE B 250 -12.04 -2.25 20.68
C PHE B 250 -11.44 -2.23 22.11
N HIS B 251 -10.15 -2.53 22.22
CA HIS B 251 -9.46 -2.49 23.51
C HIS B 251 -9.51 -1.11 24.17
N SER B 252 -9.41 -0.05 23.36
CA SER B 252 -9.39 1.32 23.84
C SER B 252 -10.69 1.71 24.57
N TYR B 253 -11.80 1.08 24.21
CA TYR B 253 -13.08 1.24 24.92
C TYR B 253 -13.08 0.63 26.33
N LYS B 254 -12.23 -0.37 26.54
CA LYS B 254 -12.06 -1.01 27.85
C LYS B 254 -10.90 -0.45 28.66
N ASN B 255 -9.90 0.12 27.99
CA ASN B 255 -8.67 0.51 28.64
C ASN B 255 -8.00 1.58 27.78
N PRO B 256 -8.48 2.82 27.89
CA PRO B 256 -8.04 3.86 26.99
C PRO B 256 -6.62 4.31 27.29
N GLY B 257 -5.96 4.86 26.27
CA GLY B 257 -4.70 5.57 26.46
C GLY B 257 -3.49 5.11 25.65
N LEU B 258 -3.55 3.95 25.02
CA LEU B 258 -2.39 3.50 24.25
C LEU B 258 -2.04 4.54 23.19
N VAL B 259 -0.75 4.86 23.08
CA VAL B 259 -0.19 5.74 22.06
C VAL B 259 0.86 4.95 21.28
N LEU B 260 0.81 5.01 19.95
CA LEU B 260 1.84 4.46 19.07
C LEU B 260 2.43 5.56 18.22
N ASP B 261 3.70 5.86 18.45
CA ASP B 261 4.38 6.93 17.73
C ASP B 261 5.11 6.36 16.50
N ILE B 262 4.95 7.01 15.35
CA ILE B 262 5.64 6.59 14.13
C ILE B 262 6.94 7.36 13.88
N VAL B 263 7.13 8.50 14.55
CA VAL B 263 8.33 9.29 14.32
C VAL B 263 9.58 8.57 14.82
N GLU B 264 9.51 7.99 16.02
CA GLU B 264 10.68 7.28 16.53
C GLU B 264 11.02 6.06 15.67
N ASP B 265 10.01 5.38 15.14
CA ASP B 265 10.27 4.28 14.21
C ASP B 265 10.95 4.78 12.94
N LEU B 266 10.50 5.92 12.42
CA LEU B 266 11.17 6.57 11.27
C LEU B 266 12.65 6.82 11.57
N ARG B 267 12.94 7.33 12.76
CA ARG B 267 14.34 7.54 13.16
C ARG B 267 15.13 6.27 13.24
N LEU B 268 14.54 5.21 13.79
CA LEU B 268 15.25 3.94 13.90
C LEU B 268 15.57 3.33 12.54
N ILE B 269 14.60 3.32 11.62
CA ILE B 269 14.84 2.71 10.32
C ILE B 269 15.77 3.57 9.49
N ASN B 270 15.64 4.88 9.60
CA ASN B 270 16.50 5.75 8.81
C ASN B 270 17.95 5.68 9.24
N THR B 271 18.19 5.52 10.53
CA THR B 271 19.57 5.37 11.03
C THR B 271 20.18 4.05 10.52
N GLN B 272 19.37 3.00 10.43
CA GLN B 272 19.81 1.78 9.73
C GLN B 272 20.17 2.07 8.29
N ALA B 273 19.35 2.84 7.60
CA ALA B 273 19.57 3.13 6.20
C ALA B 273 20.84 3.98 6.00
N ILE B 274 21.05 4.99 6.84
CA ILE B 274 22.16 5.90 6.57
C ILE B 274 23.51 5.39 7.08
N PHE B 275 23.53 4.46 8.03
CA PHE B 275 24.80 3.93 8.54
C PHE B 275 25.17 2.54 8.02
N ALA B 276 24.33 1.97 7.15
CA ALA B 276 24.67 0.71 6.51
C ALA B 276 25.97 0.88 5.73
N LYS B 277 26.84 -0.12 5.80
CA LYS B 277 28.07 -0.12 5.02
C LYS B 277 27.75 -0.35 3.54
N CYS B 278 26.74 -1.20 3.32
CA CYS B 278 26.25 -1.54 2.01
C CYS B 278 24.81 -2.02 2.24
N THR B 279 23.95 -1.82 1.24
CA THR B 279 22.53 -2.12 1.38
C THR B 279 22.09 -3.05 0.25
N GLY B 280 21.32 -4.07 0.62
CA GLY B 280 20.58 -4.89 -0.33
C GLY B 280 19.10 -4.96 0.06
N MET B 281 18.25 -5.13 -0.94
CA MET B 281 16.81 -5.25 -0.70
C MET B 281 16.22 -6.40 -1.51
N ILE B 282 15.31 -7.14 -0.87
CA ILE B 282 14.51 -8.16 -1.50
C ILE B 282 13.07 -7.77 -1.20
N ILE B 283 12.30 -7.48 -2.25
CA ILE B 283 10.97 -6.94 -2.09
C ILE B 283 9.97 -7.86 -2.77
N LEU B 284 9.01 -8.36 -1.99
CA LEU B 284 8.04 -9.35 -2.47
C LEU B 284 6.65 -8.79 -2.47
N GLY B 285 5.99 -8.89 -3.61
CA GLY B 285 4.59 -8.59 -3.72
C GLY B 285 4.30 -7.14 -4.04
N GLY B 286 5.28 -6.26 -3.87
CA GLY B 286 5.01 -4.85 -4.04
C GLY B 286 6.26 -4.12 -4.46
N GLY B 287 6.19 -2.81 -4.39
CA GLY B 287 7.32 -1.99 -4.80
C GLY B 287 7.96 -1.34 -3.59
N VAL B 288 8.85 -0.41 -3.86
CA VAL B 288 9.55 0.30 -2.81
C VAL B 288 8.87 1.63 -2.56
N VAL B 289 9.14 2.16 -1.38
CA VAL B 289 8.71 3.51 -1.05
C VAL B 289 9.55 4.54 -1.84
N LYS B 290 8.98 5.73 -2.05
CA LYS B 290 9.60 6.82 -2.80
C LYS B 290 10.04 7.92 -1.84
N HIS B 291 11.34 8.00 -1.61
CA HIS B 291 11.91 9.00 -0.72
C HIS B 291 13.40 9.15 -1.05
N HIS B 292 14.07 10.07 -0.37
CA HIS B 292 15.45 10.41 -0.69
C HIS B 292 16.48 10.05 0.36
N ILE B 293 16.05 9.38 1.43
CA ILE B 293 16.90 9.11 2.58
C ILE B 293 18.19 8.35 2.21
N ALA B 294 18.14 7.46 1.22
CA ALA B 294 19.34 6.70 0.85
C ALA B 294 20.50 7.61 0.41
N ASN B 295 20.16 8.79 -0.12
CA ASN B 295 21.16 9.79 -0.50
C ASN B 295 21.94 10.35 0.70
N ALA B 296 21.41 10.18 1.91
CA ALA B 296 22.09 10.63 3.11
C ALA B 296 23.03 9.59 3.70
N ASN B 297 23.15 8.43 3.08
CA ASN B 297 24.16 7.47 3.47
C ASN B 297 25.48 7.92 2.86
N LEU B 298 26.31 8.55 3.67
CA LEU B 298 27.56 9.14 3.18
C LEU B 298 28.62 8.10 2.82
N MET B 299 28.54 6.91 3.39
CA MET B 299 29.47 5.83 3.04
C MET B 299 29.17 5.25 1.67
N ARG B 300 27.90 4.93 1.45
CA ARG B 300 27.49 4.26 0.24
C ARG B 300 26.03 4.66 0.03
N ASN B 301 25.81 5.67 -0.80
CA ASN B 301 24.47 6.16 -1.04
C ASN B 301 23.78 5.24 -2.06
N GLY B 302 22.56 4.80 -1.73
CA GLY B 302 21.80 3.88 -2.58
C GLY B 302 22.17 2.41 -2.38
N ALA B 303 21.22 1.53 -2.68
CA ALA B 303 21.44 0.08 -2.58
C ALA B 303 22.31 -0.45 -3.70
N ASP B 304 23.22 -1.35 -3.33
CA ASP B 304 24.08 -2.03 -4.29
C ASP B 304 23.39 -3.24 -4.92
N TYR B 305 22.31 -3.73 -4.29
CA TYR B 305 21.64 -4.95 -4.72
C TYR B 305 20.13 -4.83 -4.47
N ALA B 306 19.33 -5.21 -5.47
CA ALA B 306 17.90 -5.20 -5.31
C ALA B 306 17.25 -6.25 -6.21
N VAL B 307 16.34 -7.01 -5.62
CA VAL B 307 15.45 -7.92 -6.33
C VAL B 307 13.99 -7.63 -5.95
N TYR B 308 13.13 -7.43 -6.96
CA TYR B 308 11.69 -7.36 -6.76
C TYR B 308 11.09 -8.63 -7.36
N ILE B 309 10.11 -9.20 -6.67
CA ILE B 309 9.32 -10.29 -7.21
C ILE B 309 7.87 -9.90 -7.03
N ASN B 310 7.21 -9.54 -8.11
CA ASN B 310 5.80 -9.20 -8.06
C ASN B 310 5.21 -9.21 -9.46
N THR B 311 3.89 -9.16 -9.52
CA THR B 311 3.15 -9.22 -10.78
C THR B 311 2.59 -7.88 -11.17
N ALA B 312 2.88 -6.83 -10.41
CA ALA B 312 2.29 -5.53 -10.71
C ALA B 312 2.91 -4.94 -12.00
N GLN B 313 2.13 -4.16 -12.74
CA GLN B 313 2.60 -3.52 -13.99
C GLN B 313 2.77 -2.02 -13.83
N GLU B 314 3.72 -1.45 -14.56
CA GLU B 314 4.11 -0.05 -14.34
C GLU B 314 3.14 0.97 -14.91
N PHE B 315 2.28 0.59 -15.86
CA PHE B 315 1.69 1.56 -16.78
C PHE B 315 0.68 2.54 -16.18
N ASP B 316 0.15 2.21 -15.00
CA ASP B 316 -0.73 3.12 -14.26
C ASP B 316 0.05 4.09 -13.35
N GLY B 317 1.37 3.97 -13.36
CA GLY B 317 2.21 4.82 -12.51
C GLY B 317 2.32 4.39 -11.05
N SER B 318 1.81 3.21 -10.71
CA SER B 318 1.78 2.77 -9.29
C SER B 318 3.18 2.46 -8.75
N ASP B 319 3.35 2.67 -7.44
CA ASP B 319 4.59 2.31 -6.76
C ASP B 319 4.83 0.82 -6.89
N SER B 320 3.76 0.04 -6.75
CA SER B 320 3.87 -1.41 -6.78
CA SER B 320 3.88 -1.41 -6.76
C SER B 320 4.42 -1.95 -8.07
N GLY B 321 4.01 -1.33 -9.18
CA GLY B 321 4.40 -1.77 -10.50
C GLY B 321 5.65 -1.12 -11.07
N ALA B 322 6.26 -0.18 -10.36
CA ALA B 322 7.46 0.51 -10.87
C ALA B 322 8.64 -0.44 -10.98
N ARG B 323 9.38 -0.33 -12.08
CA ARG B 323 10.60 -1.11 -12.24
C ARG B 323 11.67 -0.58 -11.28
N PRO B 324 12.63 -1.44 -10.90
CA PRO B 324 13.75 -0.97 -10.08
C PRO B 324 14.44 0.29 -10.64
N ASP B 325 14.49 0.45 -11.96
CA ASP B 325 15.19 1.59 -12.52
C ASP B 325 14.50 2.92 -12.18
N GLU B 326 13.21 2.89 -11.83
CA GLU B 326 12.56 4.10 -11.32
C GLU B 326 13.24 4.59 -10.04
N ALA B 327 13.53 3.65 -9.14
CA ALA B 327 14.17 3.96 -7.84
C ALA B 327 15.62 4.48 -7.99
N VAL B 328 16.27 4.16 -9.09
CA VAL B 328 17.59 4.73 -9.40
C VAL B 328 17.50 6.27 -9.51
N SER B 329 16.40 6.78 -10.05
CA SER B 329 16.22 8.24 -10.20
C SER B 329 16.02 8.92 -8.85
N TRP B 330 15.51 8.17 -7.86
CA TRP B 330 15.35 8.66 -6.51
C TRP B 330 16.63 8.52 -5.66
N GLY B 331 17.63 7.80 -6.18
CA GLY B 331 18.85 7.53 -5.40
C GLY B 331 18.71 6.33 -4.47
N LYS B 332 17.57 5.65 -4.50
CA LYS B 332 17.30 4.53 -3.61
C LYS B 332 18.07 3.29 -4.04
N ILE B 333 18.32 3.17 -5.35
CA ILE B 333 19.17 2.11 -5.86
C ILE B 333 20.29 2.81 -6.65
N ARG B 334 21.52 2.36 -6.49
CA ARG B 334 22.66 2.98 -7.17
C ARG B 334 22.59 2.80 -8.68
N VAL B 335 23.07 3.80 -9.39
CA VAL B 335 23.24 3.74 -10.83
C VAL B 335 24.05 2.50 -11.26
N ASP B 336 25.11 2.16 -10.52
CA ASP B 336 25.94 1.01 -10.93
C ASP B 336 25.45 -0.35 -10.43
N ALA B 337 24.35 -0.38 -9.69
CA ALA B 337 23.75 -1.68 -9.30
C ALA B 337 23.15 -2.32 -10.56
N GLN B 338 22.88 -3.61 -10.48
CA GLN B 338 22.22 -4.33 -11.56
C GLN B 338 20.98 -4.99 -10.97
N PRO B 339 19.96 -4.18 -10.66
CA PRO B 339 18.78 -4.73 -9.98
C PRO B 339 17.95 -5.62 -10.91
N VAL B 340 17.17 -6.52 -10.33
CA VAL B 340 16.37 -7.44 -11.12
C VAL B 340 14.93 -7.46 -10.60
N LYS B 341 13.96 -7.41 -11.52
CA LYS B 341 12.57 -7.70 -11.23
C LYS B 341 12.17 -9.03 -11.90
N VAL B 342 11.64 -9.97 -11.13
CA VAL B 342 11.01 -11.14 -11.68
C VAL B 342 9.50 -10.90 -11.66
N TYR B 343 8.88 -10.92 -12.84
CA TYR B 343 7.46 -10.69 -12.99
C TYR B 343 6.71 -11.99 -12.75
N ALA B 344 6.41 -12.25 -11.49
CA ALA B 344 5.80 -13.51 -11.09
C ALA B 344 5.25 -13.43 -9.69
N ASP B 345 4.31 -14.34 -9.43
CA ASP B 345 3.75 -14.54 -8.10
C ASP B 345 4.87 -15.07 -7.21
N ALA B 346 5.16 -14.35 -6.14
CA ALA B 346 6.23 -14.73 -5.25
C ALA B 346 5.94 -16.05 -4.55
N SER B 347 4.68 -16.48 -4.50
CA SER B 347 4.36 -17.79 -3.91
C SER B 347 5.01 -18.93 -4.68
N LEU B 348 5.19 -18.75 -5.98
CA LEU B 348 5.90 -19.71 -6.82
C LEU B 348 7.42 -19.51 -6.79
N VAL B 349 7.86 -18.27 -6.93
CA VAL B 349 9.26 -17.97 -7.21
C VAL B 349 10.13 -17.88 -5.94
N PHE B 350 9.58 -17.36 -4.85
CA PHE B 350 10.42 -17.10 -3.69
C PHE B 350 11.02 -18.36 -3.05
N PRO B 351 10.24 -19.44 -2.90
CA PRO B 351 10.88 -20.65 -2.36
C PRO B 351 12.00 -21.18 -3.26
N LEU B 352 11.82 -21.08 -4.57
CA LEU B 352 12.86 -21.51 -5.51
C LEU B 352 14.11 -20.64 -5.38
N LEU B 353 13.91 -19.33 -5.26
CA LEU B 353 15.01 -18.38 -5.08
C LEU B 353 15.80 -18.67 -3.79
N VAL B 354 15.07 -18.90 -2.72
CA VAL B 354 15.71 -19.26 -1.44
C VAL B 354 16.47 -20.58 -1.53
N ALA B 355 15.90 -21.56 -2.21
CA ALA B 355 16.57 -22.88 -2.39
C ALA B 355 17.95 -22.73 -3.01
N GLU B 356 18.08 -21.79 -3.93
CA GLU B 356 19.32 -21.56 -4.70
C GLU B 356 20.27 -20.51 -4.10
N THR B 357 19.86 -19.86 -3.00
CA THR B 357 20.65 -18.78 -2.45
C THR B 357 20.86 -19.04 -0.95
N PHE B 358 20.01 -18.46 -0.11
CA PHE B 358 20.13 -18.56 1.34
C PHE B 358 20.26 -19.99 1.87
N ALA B 359 19.46 -20.91 1.33
CA ALA B 359 19.46 -22.28 1.79
C ALA B 359 20.74 -23.03 1.44
N GLN B 360 21.52 -22.49 0.49
CA GLN B 360 22.85 -23.05 0.16
C GLN B 360 23.94 -22.58 1.10
N LYS B 361 23.73 -21.44 1.74
CA LYS B 361 24.77 -20.79 2.52
C LYS B 361 24.45 -20.92 3.99
N MET B 362 23.55 -21.83 4.32
CA MET B 362 23.10 -22.05 5.69
C MET B 362 24.27 -22.21 6.66
N ASP B 363 25.28 -22.99 6.25
CA ASP B 363 26.47 -23.23 7.06
C ASP B 363 27.21 -21.96 7.47
N ALA B 364 27.21 -20.94 6.60
CA ALA B 364 27.79 -19.62 6.90
C ALA B 364 26.95 -18.76 7.87
N PHE B 365 25.71 -19.16 8.14
CA PHE B 365 24.86 -18.40 9.06
C PHE B 365 24.64 -19.18 10.38
#